data_6AM0
#
_entry.id   6AM0
#
_cell.length_a   174.260
_cell.length_b   83.250
_cell.length_c   104.300
_cell.angle_alpha   90.00
_cell.angle_beta   93.62
_cell.angle_gamma   90.00
#
_symmetry.space_group_name_H-M   'C 1 2 1'
#
loop_
_entity.id
_entity.type
_entity.pdbx_description
1 polymer KLLA0F23980p
2 polymer KLLA0E01827p
3 polymer KLLA0A01474p
4 polymer KLLA0A11308p
5 non-polymer 'MAGNESIUM ION'
6 non-polymer '[[(2~{R},3~{S},4~{R},5~{R})-5-(2-azanyl-7-methyl-6-oxidanylidene-3~{H}-purin-7-ium-9-yl)-3,4-bis(oxidanyl)oxolan-2-yl]methoxy-sulfanyl-phosphoryl] [[[(2~{R},3~{S},4~{R},5~{R})-5-(2-azanyl-7-methyl-6-oxidanylidene-3~{H}-purin-7-ium-9-yl)-3,4-bis(oxidanyl)oxolan-2-yl]methoxy-sulfanyl-phosphoryl]oxy-oxidanyl-phosphoryl] hydrogen phosphate'
#
loop_
_entity_poly.entity_id
_entity_poly.type
_entity_poly.pdbx_seq_one_letter_code
_entity_poly.pdbx_strand_id
1 'polypeptide(L)'
;MSLPLLRPFETVSLENAVEDLVVRFILNVPPEDLSTVERVLFHFEEASWFYTDFVKLMNPYLPNLSIKSFSKIVIDICPL
IWNWDITPENALVKFSNYKKTIPVRGAAIFNDSLSKILLLRGINSKHWSFPRGKIGKDEDDVACCIREVKEQTGFDLTGF
IDADQYVERNMNGKNFKIFLVKGVPEDFEFKPEHKNEIQAIEWKDFKKLSKAITKNEGSAKVFLVNSMIRPLSLYVKNEK
RAKDENKLKLYAEEHLKSILGLNKKENKIVLDAGR
;
A,E
2 'polypeptide(L)'
;GSMSTETLEIYRKALNFNVIARYDPKIKQLLFHTPHATVYKWGDDNWNKLEYQGVLAIYLRDVGDKEAILPEVSSYDDTI
TGQQSEANTPHVLTGHDIYNYGLIIMNRINPDNFSLAIAPNSVLNKRKLFAPNREEELEPMKVEVRDDLVMIKTLKKEVY
GIWVHTPEDRQNIYELIKYLLENEPTDSFT
;
B,F
3 'polypeptide(L)' HSKCYAGATFATEAPQVTTLPKPSFV C,G
4 'polypeptide(L)' MLNFKGYQIEIELKDGKRITGTLKQVSPKSLTLTDAVFQDGGVSPVFKIKADKLYDLKVLKLPPNA D,H
#
loop_
_chem_comp.id
_chem_comp.type
_chem_comp.name
_chem_comp.formula
6VQ non-polymer '[[(2~{R},3~{S},4~{R},5~{R})-5-(2-azanyl-7-methyl-6-oxidanylidene-3~{H}-purin-7-ium-9-yl)-3,4-bis(oxidanyl)oxolan-2-yl]methoxy-sulfanyl-phosphoryl] [[[(2~{R},3~{S},4~{R},5~{R})-5-(2-azanyl-7-methyl-6-oxidanylidene-3~{H}-purin-7-ium-9-yl)-3,4-bis(oxidanyl)oxolan-2-yl]methoxy-sulfanyl-phosphoryl]oxy-oxidanyl-phosphoryl] hydrogen phosphate' 'C22 H34 N10 O19 P4 S2 2'
MG non-polymer 'MAGNESIUM ION' 'Mg 2'
#
# COMPACT_ATOMS: atom_id res chain seq x y z
N SER A 2 20.71 -28.92 -36.63
CA SER A 2 21.84 -28.04 -36.40
C SER A 2 23.15 -28.67 -36.85
N LEU A 3 23.50 -28.46 -38.13
CA LEU A 3 24.70 -29.05 -38.69
C LEU A 3 25.94 -28.53 -37.96
N PRO A 4 26.99 -29.35 -37.86
CA PRO A 4 28.23 -28.89 -37.22
C PRO A 4 29.05 -28.04 -38.19
N LEU A 5 29.47 -26.88 -37.74
CA LEU A 5 30.30 -25.97 -38.53
C LEU A 5 31.71 -25.95 -37.96
N LEU A 6 32.60 -25.24 -38.66
CA LEU A 6 33.99 -25.11 -38.29
C LEU A 6 34.25 -23.71 -37.74
N ARG A 7 35.49 -23.46 -37.34
CA ARG A 7 35.91 -22.18 -36.77
C ARG A 7 37.11 -21.65 -37.53
N PRO A 8 36.93 -21.19 -38.78
CA PRO A 8 38.08 -20.75 -39.57
C PRO A 8 38.80 -19.54 -39.00
N PHE A 9 38.10 -18.69 -38.22
CA PHE A 9 38.73 -17.50 -37.67
C PHE A 9 39.97 -17.82 -36.86
N GLU A 10 40.03 -18.99 -36.24
CA GLU A 10 41.19 -19.38 -35.46
C GLU A 10 42.40 -19.71 -36.34
N THR A 11 42.18 -20.00 -37.62
CA THR A 11 43.23 -20.57 -38.45
C THR A 11 43.33 -19.95 -39.84
N VAL A 12 42.64 -18.86 -40.11
CA VAL A 12 42.72 -18.22 -41.43
C VAL A 12 43.72 -17.09 -41.35
N SER A 13 44.33 -16.79 -42.49
CA SER A 13 45.13 -15.58 -42.61
C SER A 13 44.25 -14.37 -42.36
N LEU A 14 44.90 -13.25 -42.03
CA LEU A 14 44.17 -12.00 -41.81
C LEU A 14 43.27 -11.66 -42.98
N GLU A 15 43.71 -11.98 -44.20
CA GLU A 15 42.93 -11.62 -45.40
C GLU A 15 41.58 -12.34 -45.41
N ASN A 16 41.59 -13.65 -45.17
CA ASN A 16 40.35 -14.40 -45.21
C ASN A 16 39.45 -14.08 -44.03
N ALA A 17 40.04 -13.78 -42.87
CA ALA A 17 39.24 -13.30 -41.75
C ALA A 17 38.54 -11.99 -42.10
N VAL A 18 39.26 -11.07 -42.77
CA VAL A 18 38.65 -9.81 -43.17
C VAL A 18 37.54 -10.05 -44.19
N GLU A 19 37.71 -11.04 -45.07
CA GLU A 19 36.64 -11.38 -46.01
C GLU A 19 35.41 -11.90 -45.25
N ASP A 20 35.64 -12.75 -44.25
CA ASP A 20 34.54 -13.23 -43.42
C ASP A 20 33.79 -12.06 -42.79
N LEU A 21 34.51 -11.14 -42.14
CA LEU A 21 33.86 -9.96 -41.58
C LEU A 21 33.11 -9.19 -42.65
N VAL A 22 33.61 -9.20 -43.89
CA VAL A 22 32.93 -8.45 -44.95
C VAL A 22 31.59 -9.08 -45.27
N VAL A 23 31.52 -10.42 -45.34
CA VAL A 23 30.21 -11.02 -45.62
C VAL A 23 29.29 -10.87 -44.41
N ARG A 24 29.87 -10.75 -43.21
CA ARG A 24 29.04 -10.64 -42.02
C ARG A 24 28.45 -9.23 -41.83
N PHE A 25 29.18 -8.18 -42.19
CA PHE A 25 28.81 -6.84 -41.76
C PHE A 25 28.53 -5.85 -42.87
N ILE A 26 29.15 -5.99 -44.04
CA ILE A 26 29.14 -4.95 -45.07
C ILE A 26 28.53 -5.43 -46.38
N LEU A 27 28.80 -6.68 -46.76
CA LEU A 27 28.47 -7.12 -48.12
C LEU A 27 26.97 -7.32 -48.31
N ASN A 28 26.26 -7.81 -47.29
CA ASN A 28 24.92 -8.33 -47.48
C ASN A 28 23.83 -7.47 -46.84
N VAL A 29 24.17 -6.30 -46.33
CA VAL A 29 23.20 -5.43 -45.67
C VAL A 29 22.19 -4.92 -46.69
N PRO A 30 20.97 -4.58 -46.27
CA PRO A 30 19.95 -4.09 -47.22
C PRO A 30 20.35 -2.76 -47.83
N PRO A 31 19.69 -2.36 -48.93
CA PRO A 31 20.17 -1.19 -49.68
C PRO A 31 20.27 0.09 -48.88
N GLU A 32 19.33 0.36 -47.96
CA GLU A 32 19.37 1.62 -47.23
C GLU A 32 20.65 1.76 -46.41
N ASP A 33 21.20 0.65 -45.93
CA ASP A 33 22.44 0.70 -45.15
C ASP A 33 23.65 0.99 -46.03
N LEU A 34 23.51 0.88 -47.34
CA LEU A 34 24.57 1.20 -48.28
C LEU A 34 24.33 2.51 -49.02
N SER A 35 23.45 3.35 -48.50
CA SER A 35 23.05 4.55 -49.23
C SER A 35 24.08 5.68 -49.07
N THR A 36 24.63 5.83 -47.88
CA THR A 36 25.56 6.93 -47.60
C THR A 36 26.83 6.37 -46.95
N VAL A 37 27.86 7.22 -46.93
CA VAL A 37 29.13 6.83 -46.32
C VAL A 37 28.94 6.54 -44.83
N GLU A 38 28.07 7.31 -44.17
CA GLU A 38 27.86 7.12 -42.74
C GLU A 38 27.16 5.80 -42.47
N ARG A 39 26.10 5.51 -43.22
CA ARG A 39 25.34 4.27 -43.04
C ARG A 39 26.24 3.05 -43.13
N VAL A 40 27.20 3.05 -44.06
CA VAL A 40 28.10 1.91 -44.14
C VAL A 40 29.19 1.99 -43.09
N LEU A 41 29.61 3.21 -42.72
CA LEU A 41 30.68 3.34 -41.72
C LEU A 41 30.25 2.78 -40.38
N PHE A 42 28.96 2.81 -40.07
CA PHE A 42 28.48 2.10 -38.88
C PHE A 42 28.77 0.61 -38.98
N HIS A 43 28.66 0.05 -40.19
CA HIS A 43 28.94 -1.38 -40.36
C HIS A 43 30.43 -1.66 -40.30
N PHE A 44 31.25 -0.80 -40.91
CA PHE A 44 32.69 -0.87 -40.70
C PHE A 44 33.02 -0.87 -39.21
N GLU A 45 32.39 0.04 -38.46
CA GLU A 45 32.64 0.15 -37.03
C GLU A 45 32.29 -1.14 -36.30
N GLU A 46 31.09 -1.68 -36.55
CA GLU A 46 30.73 -2.96 -35.95
C GLU A 46 31.74 -4.04 -36.30
N ALA A 47 32.18 -4.09 -37.56
CA ALA A 47 33.11 -5.12 -37.97
C ALA A 47 34.44 -4.98 -37.25
N SER A 48 34.92 -3.74 -37.06
CA SER A 48 36.17 -3.53 -36.35
C SER A 48 36.05 -3.94 -34.89
N TRP A 49 35.00 -3.48 -34.21
CA TRP A 49 34.75 -3.94 -32.84
C TRP A 49 34.73 -5.46 -32.77
N PHE A 50 34.07 -6.10 -33.73
CA PHE A 50 33.96 -7.55 -33.74
C PHE A 50 35.35 -8.19 -33.87
N TYR A 51 36.15 -7.70 -34.81
CA TYR A 51 37.53 -8.16 -34.96
C TYR A 51 38.30 -8.06 -33.66
N THR A 52 38.26 -6.88 -33.04
CA THR A 52 39.00 -6.66 -31.80
C THR A 52 38.53 -7.60 -30.69
N ASP A 53 37.22 -7.81 -30.57
CA ASP A 53 36.71 -8.55 -29.42
C ASP A 53 36.76 -10.04 -29.60
N PHE A 54 36.59 -10.54 -30.82
CA PHE A 54 36.41 -11.97 -31.05
C PHE A 54 37.53 -12.59 -31.87
N VAL A 55 37.75 -12.14 -33.10
CA VAL A 55 38.62 -12.93 -33.98
C VAL A 55 40.09 -12.71 -33.62
N LYS A 56 40.44 -11.55 -33.08
CA LYS A 56 41.81 -11.31 -32.66
C LYS A 56 42.18 -12.19 -31.48
N LEU A 57 41.21 -12.54 -30.64
CA LEU A 57 41.45 -13.44 -29.52
C LEU A 57 41.28 -14.91 -29.90
N MET A 58 40.89 -15.19 -31.13
CA MET A 58 40.82 -16.57 -31.62
C MET A 58 42.09 -16.98 -32.36
N ASN A 59 42.79 -16.02 -32.96
CA ASN A 59 44.01 -16.28 -33.74
C ASN A 59 45.04 -15.23 -33.35
N PRO A 60 45.86 -15.51 -32.32
CA PRO A 60 46.78 -14.48 -31.80
C PRO A 60 47.85 -14.05 -32.79
N TYR A 61 47.88 -14.66 -33.98
CA TYR A 61 48.76 -14.20 -35.03
C TYR A 61 48.24 -12.96 -35.74
N LEU A 62 46.99 -12.59 -35.50
CA LEU A 62 46.45 -11.39 -36.12
C LEU A 62 46.97 -10.15 -35.41
N PRO A 63 47.20 -9.05 -36.13
CA PRO A 63 47.66 -7.83 -35.48
C PRO A 63 46.52 -7.11 -34.76
N ASN A 64 46.89 -6.14 -33.94
CA ASN A 64 45.94 -5.29 -33.23
C ASN A 64 45.57 -4.12 -34.13
N LEU A 65 44.34 -4.09 -34.59
CA LEU A 65 43.86 -3.03 -35.48
C LEU A 65 42.89 -2.11 -34.76
N SER A 66 42.94 -0.85 -35.14
CA SER A 66 41.90 0.13 -34.82
C SER A 66 40.99 0.27 -36.04
N ILE A 67 39.93 1.06 -35.90
CA ILE A 67 38.95 1.18 -36.98
C ILE A 67 39.58 1.81 -38.22
N LYS A 68 40.62 2.62 -38.04
CA LYS A 68 41.29 3.25 -39.17
C LYS A 68 42.10 2.22 -39.96
N SER A 69 43.01 1.52 -39.28
CA SER A 69 43.75 0.44 -39.91
C SER A 69 42.81 -0.64 -40.44
N PHE A 70 41.73 -0.93 -39.71
CA PHE A 70 40.76 -1.92 -40.16
C PHE A 70 40.11 -1.50 -41.48
N SER A 71 39.66 -0.25 -41.55
CA SER A 71 39.06 0.22 -42.80
C SER A 71 40.06 0.16 -43.95
N LYS A 72 41.31 0.54 -43.67
CA LYS A 72 42.39 0.41 -44.66
C LYS A 72 42.44 -1.02 -45.22
N ILE A 73 42.60 -1.99 -44.33
CA ILE A 73 42.78 -3.38 -44.76
C ILE A 73 41.54 -3.89 -45.50
N VAL A 74 40.36 -3.53 -45.01
CA VAL A 74 39.12 -4.01 -45.62
C VAL A 74 39.01 -3.49 -47.04
N ILE A 75 39.18 -2.19 -47.24
CA ILE A 75 39.11 -1.64 -48.59
C ILE A 75 40.26 -2.17 -49.45
N ASP A 76 41.36 -2.62 -48.82
CA ASP A 76 42.43 -3.27 -49.59
C ASP A 76 41.97 -4.61 -50.14
N ILE A 77 41.41 -5.47 -49.28
CA ILE A 77 41.16 -6.86 -49.66
C ILE A 77 39.87 -6.99 -50.46
N CYS A 78 38.85 -6.20 -50.14
CA CYS A 78 37.55 -6.23 -50.82
C CYS A 78 37.29 -4.85 -51.41
N PRO A 79 37.95 -4.49 -52.51
CA PRO A 79 37.76 -3.15 -53.07
C PRO A 79 36.35 -2.90 -53.61
N LEU A 80 35.62 -3.95 -53.97
CA LEU A 80 34.34 -3.78 -54.63
C LEU A 80 33.24 -3.27 -53.69
N ILE A 81 33.51 -3.16 -52.39
CA ILE A 81 32.51 -2.63 -51.47
C ILE A 81 32.64 -1.13 -51.28
N TRP A 82 33.81 -0.56 -51.50
CA TRP A 82 34.00 0.88 -51.37
C TRP A 82 33.51 1.55 -52.64
N ASN A 83 32.34 2.20 -52.55
CA ASN A 83 31.65 2.72 -53.72
C ASN A 83 31.91 4.20 -53.96
N TRP A 84 32.54 4.89 -53.01
CA TRP A 84 32.72 6.33 -53.07
C TRP A 84 34.18 6.68 -53.30
N ASP A 85 34.42 7.93 -53.70
CA ASP A 85 35.77 8.42 -53.98
C ASP A 85 36.20 9.40 -52.89
N ILE A 86 36.14 8.89 -51.65
CA ILE A 86 36.56 9.61 -50.46
C ILE A 86 37.66 8.81 -49.80
N THR A 87 38.69 9.51 -49.33
CA THR A 87 39.69 8.86 -48.50
C THR A 87 39.00 8.29 -47.26
N PRO A 88 39.27 7.03 -46.91
CA PRO A 88 38.64 6.48 -45.69
C PRO A 88 38.85 7.34 -44.45
N GLU A 89 39.92 8.13 -44.41
CA GLU A 89 40.14 9.02 -43.28
C GLU A 89 39.17 10.19 -43.30
N ASN A 90 39.08 10.89 -44.44
CA ASN A 90 38.10 11.96 -44.58
C ASN A 90 36.68 11.43 -44.38
N ALA A 91 36.42 10.21 -44.88
CA ALA A 91 35.16 9.56 -44.58
C ALA A 91 34.96 9.38 -43.07
N LEU A 92 36.04 9.12 -42.34
CA LEU A 92 35.92 9.02 -40.88
C LEU A 92 35.54 10.36 -40.26
N VAL A 93 36.13 11.47 -40.74
CA VAL A 93 35.75 12.77 -40.18
C VAL A 93 34.28 13.07 -40.48
N LYS A 94 33.81 12.67 -41.67
CA LYS A 94 32.40 12.85 -41.99
C LYS A 94 31.53 11.95 -41.11
N PHE A 95 32.05 10.80 -40.71
CA PHE A 95 31.34 9.90 -39.80
C PHE A 95 31.14 10.54 -38.43
N SER A 96 32.23 11.06 -37.85
CA SER A 96 32.11 11.74 -36.57
C SER A 96 31.16 12.92 -36.67
N ASN A 97 31.26 13.71 -37.75
CA ASN A 97 30.34 14.81 -37.94
C ASN A 97 28.89 14.35 -37.96
N TYR A 98 28.62 13.19 -38.58
CA TYR A 98 27.26 12.66 -38.55
C TYR A 98 26.84 12.30 -37.12
N LYS A 99 27.73 11.63 -36.37
CA LYS A 99 27.38 11.25 -35.01
C LYS A 99 27.06 12.46 -34.14
N LYS A 100 27.69 13.61 -34.42
CA LYS A 100 27.59 14.77 -33.53
C LYS A 100 26.15 15.18 -33.22
N THR A 101 25.19 14.86 -34.09
CA THR A 101 23.82 15.36 -33.95
C THR A 101 22.80 14.22 -33.93
N ILE A 102 23.13 13.11 -33.29
CA ILE A 102 22.19 12.00 -33.11
C ILE A 102 21.63 12.06 -31.70
N PRO A 103 20.30 12.08 -31.53
CA PRO A 103 19.72 12.12 -30.18
C PRO A 103 20.26 11.02 -29.28
N VAL A 104 20.47 11.36 -28.01
CA VAL A 104 21.00 10.45 -27.01
C VAL A 104 19.95 10.29 -25.91
N ARG A 105 19.57 9.04 -25.65
CA ARG A 105 18.61 8.74 -24.59
C ARG A 105 19.33 7.96 -23.50
N GLY A 106 19.10 8.36 -22.25
CA GLY A 106 19.74 7.73 -21.11
C GLY A 106 18.84 7.66 -19.89
N ALA A 107 19.39 7.28 -18.75
CA ALA A 107 18.57 7.07 -17.56
C ALA A 107 19.34 7.43 -16.30
N ALA A 108 18.80 8.38 -15.53
CA ALA A 108 19.19 8.58 -14.15
C ALA A 108 18.53 7.51 -13.30
N ILE A 109 19.34 6.64 -12.71
CA ILE A 109 18.87 5.43 -12.05
C ILE A 109 19.11 5.57 -10.56
N PHE A 110 18.07 5.33 -9.77
CA PHE A 110 18.12 5.59 -8.33
C PHE A 110 17.80 4.33 -7.53
N ASN A 111 18.47 4.24 -6.37
CA ASN A 111 18.13 3.24 -5.37
C ASN A 111 16.73 3.51 -4.81
N ASP A 112 16.07 2.46 -4.34
CA ASP A 112 14.73 2.61 -3.79
C ASP A 112 14.71 3.62 -2.66
N SER A 113 15.70 3.54 -1.77
CA SER A 113 16.04 4.67 -0.92
C SER A 113 16.91 5.61 -1.75
N LEU A 114 16.33 6.75 -2.14
CA LEU A 114 17.00 7.63 -3.09
C LEU A 114 18.25 8.28 -2.47
N SER A 115 19.16 7.45 -1.97
CA SER A 115 20.41 7.92 -1.42
C SER A 115 21.55 7.92 -2.44
N LYS A 116 21.52 7.00 -3.40
CA LYS A 116 22.60 6.84 -4.35
C LYS A 116 22.05 6.72 -5.76
N ILE A 117 22.87 7.16 -6.72
CA ILE A 117 22.53 7.16 -8.13
C ILE A 117 23.60 6.40 -8.89
N LEU A 118 23.19 5.61 -9.88
CA LEU A 118 24.09 4.73 -10.60
C LEU A 118 24.72 5.47 -11.77
N LEU A 119 26.05 5.59 -11.76
CA LEU A 119 26.77 6.25 -12.84
C LEU A 119 27.90 5.35 -13.34
N LEU A 120 28.39 5.66 -14.53
CA LEU A 120 29.47 4.90 -15.15
C LEU A 120 30.47 5.83 -15.83
N ARG A 121 31.70 5.34 -15.96
CA ARG A 121 32.76 6.03 -16.69
C ARG A 121 33.28 5.12 -17.80
N GLY A 122 33.65 5.73 -18.94
CA GLY A 122 34.15 5.01 -20.09
C GLY A 122 35.65 4.79 -20.04
N ILE A 123 36.14 4.11 -21.08
CA ILE A 123 37.50 3.53 -21.04
C ILE A 123 38.55 4.58 -20.73
N ASN A 124 38.52 5.70 -21.46
CA ASN A 124 39.21 6.91 -21.02
C ASN A 124 38.40 7.42 -19.83
N SER A 125 38.83 7.04 -18.61
CA SER A 125 38.03 7.22 -17.38
C SER A 125 37.28 8.55 -17.35
N LYS A 126 37.99 9.65 -17.55
CA LYS A 126 37.38 10.96 -17.75
C LYS A 126 36.41 11.29 -16.62
N HIS A 127 35.13 11.39 -16.93
CA HIS A 127 34.11 11.77 -15.98
C HIS A 127 33.07 10.65 -15.85
N TRP A 128 32.03 10.91 -15.08
CA TRP A 128 30.91 9.99 -14.91
C TRP A 128 29.65 10.58 -15.51
N SER A 129 28.73 9.71 -15.92
CA SER A 129 27.44 10.13 -16.43
C SER A 129 26.47 8.96 -16.34
N PHE A 130 25.24 9.21 -16.79
CA PHE A 130 24.22 8.19 -16.79
C PHE A 130 24.49 7.18 -17.90
N PRO A 131 24.01 5.95 -17.74
CA PRO A 131 23.89 5.04 -18.88
C PRO A 131 23.06 5.69 -19.98
N ARG A 132 23.61 5.72 -21.18
CA ARG A 132 23.00 6.46 -22.28
C ARG A 132 23.47 5.86 -23.59
N GLY A 133 22.79 6.24 -24.67
CA GLY A 133 23.18 5.76 -25.98
C GLY A 133 22.48 6.51 -27.09
N LYS A 134 22.97 6.28 -28.30
CA LYS A 134 22.44 6.99 -29.47
C LYS A 134 21.18 6.30 -29.99
N ILE A 135 20.26 7.10 -30.52
CA ILE A 135 18.97 6.59 -30.96
C ILE A 135 19.13 5.82 -32.27
N GLY A 136 18.31 4.78 -32.43
CA GLY A 136 18.33 3.96 -33.62
C GLY A 136 17.28 4.37 -34.64
N LYS A 137 17.11 3.52 -35.65
CA LYS A 137 16.21 3.81 -36.77
C LYS A 137 14.76 3.65 -36.35
N ASP A 138 14.01 4.75 -36.37
CA ASP A 138 12.58 4.76 -36.08
C ASP A 138 12.28 4.03 -34.77
N GLU A 139 12.82 4.57 -33.69
CA GLU A 139 12.70 3.95 -32.38
C GLU A 139 12.21 4.97 -31.36
N ASP A 140 11.29 4.55 -30.50
CA ASP A 140 10.81 5.41 -29.44
C ASP A 140 11.91 5.68 -28.42
N ASP A 141 11.81 6.82 -27.75
CA ASP A 141 12.83 7.22 -26.79
C ASP A 141 12.92 6.25 -25.61
N VAL A 142 11.81 5.64 -25.21
CA VAL A 142 11.87 4.68 -24.12
C VAL A 142 12.45 3.35 -24.60
N ALA A 143 12.18 2.97 -25.85
CA ALA A 143 12.82 1.78 -26.40
C ALA A 143 14.32 1.98 -26.52
N CYS A 144 14.73 3.18 -26.96
CA CYS A 144 16.15 3.50 -27.06
C CYS A 144 16.81 3.50 -25.69
N CYS A 145 16.18 4.16 -24.72
CA CYS A 145 16.73 4.18 -23.36
C CYS A 145 16.86 2.77 -22.80
N ILE A 146 15.81 1.96 -22.93
CA ILE A 146 15.85 0.59 -22.42
C ILE A 146 16.97 -0.20 -23.10
N ARG A 147 17.01 -0.15 -24.44
CA ARG A 147 18.01 -0.91 -25.18
C ARG A 147 19.42 -0.50 -24.78
N GLU A 148 19.66 0.81 -24.70
CA GLU A 148 21.02 1.29 -24.45
C GLU A 148 21.45 1.06 -23.01
N VAL A 149 20.54 1.21 -22.04
CA VAL A 149 20.96 0.92 -20.67
C VAL A 149 21.15 -0.58 -20.49
N LYS A 150 20.46 -1.40 -21.29
CA LYS A 150 20.69 -2.84 -21.19
C LYS A 150 22.05 -3.21 -21.77
N GLU A 151 22.44 -2.57 -22.88
CA GLU A 151 23.76 -2.85 -23.45
C GLU A 151 24.88 -2.31 -22.57
N GLN A 152 24.67 -1.13 -21.97
CA GLN A 152 25.73 -0.52 -21.17
C GLN A 152 25.83 -1.12 -19.77
N THR A 153 24.74 -1.65 -19.23
CA THR A 153 24.70 -2.13 -17.86
C THR A 153 24.23 -3.56 -17.69
N GLY A 154 23.54 -4.13 -18.67
CA GLY A 154 22.95 -5.45 -18.48
C GLY A 154 21.66 -5.45 -17.71
N PHE A 155 20.97 -4.31 -17.63
CA PHE A 155 19.76 -4.16 -16.84
C PHE A 155 18.62 -3.69 -17.72
N ASP A 156 17.47 -4.34 -17.59
CA ASP A 156 16.28 -3.98 -18.34
C ASP A 156 15.42 -3.01 -17.55
N LEU A 157 15.11 -1.86 -18.14
CA LEU A 157 14.29 -0.84 -17.50
C LEU A 157 12.85 -0.84 -18.02
N THR A 158 12.28 -2.01 -18.26
CA THR A 158 10.95 -2.08 -18.86
C THR A 158 9.90 -1.41 -17.98
N GLY A 159 9.69 -1.94 -16.77
CA GLY A 159 8.64 -1.42 -15.91
C GLY A 159 9.01 -0.16 -15.15
N PHE A 160 10.29 0.18 -15.09
CA PHE A 160 10.76 1.27 -14.24
C PHE A 160 10.66 2.64 -14.91
N ILE A 161 10.59 2.69 -16.24
CA ILE A 161 10.60 3.96 -16.95
C ILE A 161 9.19 4.53 -17.02
N ASP A 162 9.03 5.76 -16.53
CA ASP A 162 7.81 6.53 -16.74
C ASP A 162 8.10 7.54 -17.84
N ALA A 163 7.38 7.43 -18.95
CA ALA A 163 7.70 8.17 -20.17
C ALA A 163 7.55 9.68 -20.03
N ASP A 164 7.06 10.19 -18.89
CA ASP A 164 6.90 11.62 -18.70
C ASP A 164 7.92 12.23 -17.75
N GLN A 165 8.57 11.42 -16.92
CA GLN A 165 9.61 11.90 -16.00
C GLN A 165 10.94 11.87 -16.74
N TYR A 166 11.38 13.02 -17.23
CA TYR A 166 12.66 13.07 -17.94
C TYR A 166 13.21 14.49 -17.90
N VAL A 167 14.48 14.60 -18.28
CA VAL A 167 15.17 15.87 -18.45
C VAL A 167 15.64 15.94 -19.89
N GLU A 168 15.52 17.12 -20.50
CA GLU A 168 15.93 17.33 -21.89
C GLU A 168 16.89 18.52 -21.96
N ARG A 169 18.06 18.29 -22.57
CA ARG A 169 19.07 19.34 -22.71
C ARG A 169 19.72 19.24 -24.07
N ASN A 170 19.81 20.36 -24.77
CA ASN A 170 20.48 20.44 -26.07
C ASN A 170 21.81 21.17 -25.86
N MET A 171 22.91 20.49 -26.19
CA MET A 171 24.24 21.03 -25.95
C MET A 171 24.90 21.55 -27.22
N ASN A 172 25.02 20.71 -28.26
CA ASN A 172 25.67 21.09 -29.51
C ASN A 172 24.87 20.51 -30.67
N GLY A 173 23.58 20.85 -30.72
CA GLY A 173 22.64 20.14 -31.57
C GLY A 173 22.36 18.73 -31.14
N LYS A 174 23.19 18.17 -30.25
CA LYS A 174 22.98 16.84 -29.69
C LYS A 174 21.85 16.91 -28.67
N ASN A 175 20.72 16.28 -28.99
CA ASN A 175 19.54 16.31 -28.13
C ASN A 175 19.66 15.22 -27.07
N PHE A 176 19.91 15.62 -25.83
CA PHE A 176 19.98 14.68 -24.70
C PHE A 176 18.62 14.59 -24.02
N LYS A 177 18.17 13.36 -23.78
CA LYS A 177 16.98 13.10 -22.98
C LYS A 177 17.29 11.98 -22.00
N ILE A 178 17.26 12.28 -20.71
CA ILE A 178 17.58 11.31 -19.66
C ILE A 178 16.35 11.12 -18.79
N PHE A 179 15.82 9.90 -18.77
CA PHE A 179 14.65 9.60 -17.97
C PHE A 179 15.04 9.46 -16.50
N LEU A 180 14.03 9.53 -15.63
CA LEU A 180 14.23 9.38 -14.20
C LEU A 180 13.57 8.09 -13.74
N VAL A 181 14.33 7.23 -13.09
CA VAL A 181 13.80 5.97 -12.61
C VAL A 181 14.20 5.77 -11.16
N LYS A 182 13.38 5.02 -10.43
CA LYS A 182 13.62 4.71 -9.03
C LYS A 182 13.23 3.26 -8.79
N GLY A 183 13.75 2.71 -7.70
CA GLY A 183 13.36 1.37 -7.29
C GLY A 183 14.13 0.25 -7.92
N VAL A 184 15.28 0.51 -8.51
CA VAL A 184 16.14 -0.57 -9.00
C VAL A 184 16.96 -1.07 -7.82
N PRO A 185 17.29 -2.35 -7.77
CA PRO A 185 18.07 -2.87 -6.64
C PRO A 185 19.54 -2.49 -6.77
N GLU A 186 20.08 -1.90 -5.70
CA GLU A 186 21.53 -1.75 -5.58
C GLU A 186 22.24 -3.09 -5.51
N ASP A 187 21.48 -4.19 -5.39
CA ASP A 187 22.06 -5.52 -5.31
C ASP A 187 22.66 -5.95 -6.65
N PHE A 188 21.92 -5.75 -7.74
CA PHE A 188 22.23 -6.26 -9.07
C PHE A 188 23.69 -6.02 -9.44
N GLU A 189 24.31 -7.03 -10.08
CA GLU A 189 25.67 -6.93 -10.57
C GLU A 189 25.63 -6.45 -12.03
N PHE A 190 26.11 -5.24 -12.27
CA PHE A 190 26.02 -4.62 -13.59
C PHE A 190 27.28 -4.93 -14.39
N LYS A 191 27.10 -5.64 -15.51
CA LYS A 191 28.18 -5.85 -16.45
C LYS A 191 27.81 -5.26 -17.80
N PRO A 192 28.73 -4.58 -18.47
CA PRO A 192 28.45 -4.13 -19.85
C PRO A 192 28.39 -5.31 -20.80
N GLU A 193 27.60 -5.15 -21.86
CA GLU A 193 27.46 -6.21 -22.86
C GLU A 193 28.68 -6.31 -23.77
N HIS A 194 29.43 -5.21 -23.91
CA HIS A 194 30.60 -5.15 -24.77
C HIS A 194 31.79 -4.67 -23.96
N LYS A 195 32.94 -5.30 -24.19
CA LYS A 195 34.15 -4.87 -23.49
C LYS A 195 34.85 -3.77 -24.29
N ASN A 196 35.79 -3.10 -23.62
CA ASN A 196 36.47 -1.90 -24.11
C ASN A 196 35.52 -0.74 -24.34
N GLU A 197 34.34 -0.77 -23.72
CA GLU A 197 33.36 0.31 -23.80
C GLU A 197 33.18 1.02 -22.47
N ILE A 198 33.00 0.28 -21.38
CA ILE A 198 32.70 0.84 -20.07
C ILE A 198 33.86 0.56 -19.13
N GLN A 199 34.39 1.62 -18.51
CA GLN A 199 35.47 1.47 -17.55
C GLN A 199 34.95 1.03 -16.19
N ALA A 200 33.94 1.73 -15.65
CA ALA A 200 33.47 1.37 -14.32
C ALA A 200 32.00 1.74 -14.15
N ILE A 201 31.32 0.98 -13.29
CA ILE A 201 29.91 1.18 -12.97
C ILE A 201 29.77 1.20 -11.45
N GLU A 202 29.34 2.33 -10.90
CA GLU A 202 29.29 2.49 -9.45
C GLU A 202 28.12 3.35 -9.04
N TRP A 203 27.56 3.04 -7.87
CA TRP A 203 26.65 3.95 -7.19
C TRP A 203 27.43 5.09 -6.55
N LYS A 204 26.79 6.26 -6.50
CA LYS A 204 27.36 7.43 -5.84
C LYS A 204 26.34 8.00 -4.87
N ASP A 205 26.82 8.41 -3.69
CA ASP A 205 25.97 9.05 -2.69
C ASP A 205 25.38 10.33 -3.30
N PHE A 206 24.06 10.36 -3.50
CA PHE A 206 23.47 11.49 -4.21
C PHE A 206 23.57 12.79 -3.43
N LYS A 207 23.51 12.71 -2.10
CA LYS A 207 23.71 13.91 -1.29
C LYS A 207 25.14 14.41 -1.39
N LYS A 208 26.12 13.52 -1.16
CA LYS A 208 27.52 13.89 -1.29
C LYS A 208 27.86 14.30 -2.71
N LEU A 209 27.27 13.64 -3.70
CA LEU A 209 27.53 14.01 -5.09
C LEU A 209 26.96 15.40 -5.39
N SER A 210 25.78 15.70 -4.85
CA SER A 210 25.20 17.03 -5.05
C SER A 210 26.04 18.11 -4.39
N LYS A 211 26.52 17.84 -3.16
CA LYS A 211 27.45 18.77 -2.52
C LYS A 211 28.74 18.92 -3.32
N ALA A 212 29.19 17.84 -3.96
CA ALA A 212 30.45 17.85 -4.69
C ALA A 212 30.34 18.62 -6.00
N ILE A 213 29.20 18.51 -6.69
CA ILE A 213 29.01 19.25 -7.92
C ILE A 213 28.87 20.74 -7.63
N THR A 214 28.37 21.09 -6.45
CA THR A 214 28.37 22.48 -6.00
C THR A 214 29.75 22.91 -5.49
N LYS A 215 30.81 22.40 -6.13
CA LYS A 215 32.18 22.71 -5.77
C LYS A 215 32.51 24.17 -6.09
N ASN A 216 33.65 24.64 -5.58
CA ASN A 216 34.18 25.92 -6.00
C ASN A 216 34.39 25.97 -7.52
N GLU A 217 34.63 24.81 -8.13
CA GLU A 217 34.73 24.71 -9.59
C GLU A 217 34.00 23.48 -10.10
N ALA A 220 33.08 19.02 -11.47
CA ALA A 220 34.22 18.21 -11.10
C ALA A 220 33.92 16.72 -11.26
N LYS A 221 34.63 16.08 -12.19
CA LYS A 221 34.62 14.64 -12.42
C LYS A 221 33.34 14.14 -13.08
N VAL A 222 32.52 15.02 -13.65
CA VAL A 222 31.17 14.65 -14.06
C VAL A 222 30.83 15.32 -15.40
N PHE A 223 30.01 14.62 -16.19
CA PHE A 223 29.44 15.12 -17.43
C PHE A 223 27.93 14.97 -17.39
N LEU A 224 27.22 15.97 -17.92
CA LEU A 224 25.76 16.02 -17.95
C LEU A 224 25.10 16.14 -16.59
N VAL A 225 25.48 15.28 -15.63
CA VAL A 225 24.85 15.31 -14.31
C VAL A 225 24.98 16.69 -13.68
N ASN A 226 26.15 17.33 -13.84
CA ASN A 226 26.32 18.69 -13.33
C ASN A 226 25.36 19.65 -14.02
N SER A 227 25.12 19.45 -15.32
CA SER A 227 24.19 20.28 -16.06
C SER A 227 22.73 20.01 -15.70
N MET A 228 22.42 18.83 -15.16
CA MET A 228 21.04 18.44 -14.89
C MET A 228 20.74 18.26 -13.42
N ILE A 229 21.57 18.83 -12.54
CA ILE A 229 21.56 18.38 -11.15
C ILE A 229 20.30 18.86 -10.42
N ARG A 230 19.81 20.05 -10.75
CA ARG A 230 18.68 20.57 -9.97
C ARG A 230 17.38 19.85 -10.29
N PRO A 231 17.04 19.58 -11.57
CA PRO A 231 15.86 18.73 -11.82
C PRO A 231 15.99 17.36 -11.18
N LEU A 232 17.19 16.77 -11.18
CA LEU A 232 17.43 15.50 -10.49
C LEU A 232 17.07 15.62 -9.02
N SER A 233 17.72 16.55 -8.31
CA SER A 233 17.47 16.71 -6.89
C SER A 233 15.99 16.93 -6.61
N LEU A 234 15.35 17.82 -7.39
CA LEU A 234 13.91 18.00 -7.28
C LEU A 234 13.17 16.67 -7.35
N TYR A 235 13.54 15.83 -8.32
CA TYR A 235 12.90 14.53 -8.46
C TYR A 235 13.08 13.69 -7.19
N VAL A 236 14.28 13.71 -6.60
CA VAL A 236 14.48 12.89 -5.41
C VAL A 236 13.73 13.47 -4.23
N LYS A 237 13.51 14.79 -4.21
CA LYS A 237 12.72 15.39 -3.15
C LYS A 237 11.27 14.95 -3.23
N ASN A 238 10.66 15.07 -4.41
CA ASN A 238 9.27 14.61 -4.57
C ASN A 238 9.14 13.13 -4.30
N GLU A 239 10.17 12.33 -4.63
CA GLU A 239 10.03 10.89 -4.46
C GLU A 239 10.20 10.46 -3.01
N LYS A 240 11.22 10.98 -2.33
CA LYS A 240 11.40 10.67 -0.91
C LYS A 240 10.20 11.18 -0.10
N ARG A 241 9.83 12.44 -0.31
CA ARG A 241 8.66 13.01 0.36
C ARG A 241 7.41 12.17 0.08
N ALA A 242 7.24 11.71 -1.16
CA ALA A 242 6.07 10.90 -1.50
C ALA A 242 6.12 9.54 -0.81
N LYS A 243 7.31 8.97 -0.60
CA LYS A 243 7.42 7.73 0.14
C LYS A 243 6.98 7.93 1.59
N ASP A 244 7.45 9.00 2.23
CA ASP A 244 7.02 9.31 3.59
C ASP A 244 5.51 9.51 3.67
N GLU A 245 4.94 10.26 2.72
CA GLU A 245 3.50 10.44 2.70
C GLU A 245 2.76 9.13 2.50
N ASN A 246 3.34 8.20 1.74
CA ASN A 246 2.74 6.88 1.64
C ASN A 246 2.81 6.13 2.96
N LYS A 247 3.86 6.38 3.77
CA LYS A 247 3.91 5.79 5.10
C LYS A 247 2.79 6.30 5.98
N LEU A 248 2.67 7.63 6.12
CA LEU A 248 1.58 8.20 6.90
C LEU A 248 0.22 7.70 6.40
N LYS A 249 0.05 7.65 5.08
CA LYS A 249 -1.19 7.16 4.49
C LYS A 249 -1.48 5.73 4.95
N LEU A 250 -0.46 4.87 4.93
CA LEU A 250 -0.64 3.47 5.33
C LEU A 250 -1.04 3.38 6.80
N TYR A 251 -0.29 4.07 7.67
CA TYR A 251 -0.67 4.21 9.07
C TYR A 251 -2.15 4.56 9.22
N ALA A 252 -2.60 5.57 8.48
CA ALA A 252 -3.99 5.98 8.50
C ALA A 252 -4.90 4.81 8.14
N GLU A 253 -4.84 4.32 6.89
CA GLU A 253 -5.81 3.32 6.44
C GLU A 253 -5.88 2.12 7.37
N GLU A 254 -4.72 1.69 7.89
CA GLU A 254 -4.76 0.58 8.84
C GLU A 254 -5.51 0.97 10.11
N HIS A 255 -5.25 2.16 10.63
CA HIS A 255 -5.94 2.58 11.85
C HIS A 255 -7.44 2.75 11.64
N LEU A 256 -7.86 3.32 10.50
CA LEU A 256 -9.28 3.45 10.22
C LEU A 256 -9.94 2.09 10.10
N LYS A 257 -9.28 1.15 9.40
CA LYS A 257 -9.83 -0.21 9.34
C LYS A 257 -9.79 -0.89 10.70
N SER A 258 -9.05 -0.35 11.68
CA SER A 258 -9.16 -0.83 13.05
C SER A 258 -10.35 -0.21 13.76
N ILE A 259 -10.59 1.10 13.57
CA ILE A 259 -11.72 1.75 14.22
C ILE A 259 -13.03 1.12 13.77
N LEU A 260 -13.17 0.89 12.47
CA LEU A 260 -14.32 0.19 11.94
C LEU A 260 -14.01 -1.31 11.94
N GLY A 261 -14.88 -2.10 11.30
CA GLY A 261 -14.68 -3.54 11.29
C GLY A 261 -14.32 -4.12 9.94
N LEU A 262 -13.06 -4.53 9.78
CA LEU A 262 -12.67 -5.27 8.59
C LEU A 262 -13.36 -6.63 8.54
N ASN A 263 -13.34 -7.36 9.66
CA ASN A 263 -14.02 -8.65 9.76
C ASN A 263 -15.50 -8.43 10.07
N MET B 3 31.43 -0.79 -58.98
CA MET B 3 30.55 0.33 -59.29
C MET B 3 29.50 -0.09 -60.30
N SER B 4 29.60 -1.35 -60.74
CA SER B 4 28.61 -1.97 -61.62
C SER B 4 27.78 -2.94 -60.81
N THR B 5 26.46 -2.88 -60.99
CA THR B 5 25.57 -3.75 -60.21
C THR B 5 25.83 -5.22 -60.52
N GLU B 6 26.08 -5.55 -61.79
CA GLU B 6 26.31 -6.94 -62.16
C GLU B 6 27.60 -7.48 -61.55
N THR B 7 28.63 -6.63 -61.47
CA THR B 7 29.88 -7.05 -60.84
C THR B 7 29.69 -7.33 -59.36
N LEU B 8 28.98 -6.42 -58.67
CA LEU B 8 28.83 -6.54 -57.22
C LEU B 8 28.02 -7.76 -56.84
N GLU B 9 27.00 -8.11 -57.62
CA GLU B 9 26.20 -9.27 -57.28
C GLU B 9 26.99 -10.56 -57.45
N ILE B 10 27.80 -10.64 -58.51
CA ILE B 10 28.66 -11.80 -58.70
C ILE B 10 29.67 -11.91 -57.56
N TYR B 11 30.28 -10.78 -57.16
CA TYR B 11 31.22 -10.82 -56.05
C TYR B 11 30.54 -11.22 -54.74
N ARG B 12 29.28 -10.81 -54.56
CA ARG B 12 28.53 -11.19 -53.37
C ARG B 12 28.27 -12.69 -53.35
N LYS B 13 27.80 -13.25 -54.47
CA LYS B 13 27.55 -14.69 -54.51
C LYS B 13 28.83 -15.47 -54.31
N ALA B 14 29.88 -15.12 -55.06
CA ALA B 14 31.14 -15.88 -55.00
C ALA B 14 31.77 -15.79 -53.62
N LEU B 15 31.78 -14.60 -53.02
CA LEU B 15 32.40 -14.44 -51.71
C LEU B 15 31.55 -15.10 -50.63
N ASN B 16 30.23 -14.99 -50.73
CA ASN B 16 29.37 -15.69 -49.77
C ASN B 16 29.62 -17.19 -49.82
N PHE B 17 29.73 -17.75 -51.02
CA PHE B 17 30.04 -19.17 -51.14
C PHE B 17 31.43 -19.48 -50.56
N ASN B 18 32.42 -18.65 -50.88
CA ASN B 18 33.77 -18.88 -50.38
C ASN B 18 33.80 -18.91 -48.86
N VAL B 19 33.01 -18.04 -48.22
CA VAL B 19 33.03 -17.96 -46.77
C VAL B 19 32.24 -19.10 -46.15
N ILE B 20 31.00 -19.31 -46.61
CA ILE B 20 30.19 -20.39 -46.06
C ILE B 20 30.89 -21.72 -46.23
N ALA B 21 31.64 -21.89 -47.31
CA ALA B 21 32.38 -23.14 -47.52
C ALA B 21 33.43 -23.35 -46.44
N ARG B 22 33.93 -22.28 -45.81
CA ARG B 22 34.87 -22.44 -44.71
C ARG B 22 34.20 -22.88 -43.42
N TYR B 23 32.87 -22.87 -43.36
CA TYR B 23 32.14 -23.40 -42.23
C TYR B 23 31.49 -24.74 -42.54
N ASP B 24 30.78 -24.83 -43.66
CA ASP B 24 30.21 -26.08 -44.15
C ASP B 24 30.95 -26.43 -45.44
N PRO B 25 32.02 -27.22 -45.38
CA PRO B 25 32.79 -27.52 -46.59
C PRO B 25 32.01 -28.28 -47.63
N LYS B 26 30.86 -28.85 -47.27
CA LYS B 26 30.04 -29.63 -48.19
C LYS B 26 29.07 -28.78 -49.00
N ILE B 27 29.14 -27.44 -48.89
CA ILE B 27 28.26 -26.60 -49.67
C ILE B 27 28.60 -26.74 -51.14
N LYS B 28 27.57 -26.75 -51.97
CA LYS B 28 27.70 -26.96 -53.41
C LYS B 28 27.15 -25.82 -54.24
N GLN B 29 26.07 -25.19 -53.79
CA GLN B 29 25.46 -24.09 -54.55
C GLN B 29 24.55 -23.29 -53.63
N LEU B 30 24.65 -21.96 -53.72
CA LEU B 30 23.75 -21.08 -53.02
C LEU B 30 22.41 -21.04 -53.74
N LEU B 31 21.32 -21.29 -53.01
CA LEU B 31 19.98 -21.27 -53.59
C LEU B 31 19.22 -20.00 -53.25
N PHE B 32 19.35 -19.50 -52.03
CA PHE B 32 18.57 -18.34 -51.61
C PHE B 32 19.35 -17.55 -50.58
N HIS B 33 19.05 -16.26 -50.51
CA HIS B 33 19.74 -15.36 -49.58
C HIS B 33 18.83 -14.17 -49.28
N THR B 34 18.87 -13.72 -48.02
CA THR B 34 18.12 -12.54 -47.61
C THR B 34 19.00 -11.71 -46.69
N PRO B 35 18.91 -10.38 -46.82
CA PRO B 35 19.92 -9.51 -46.17
C PRO B 35 19.99 -9.64 -44.66
N HIS B 36 18.86 -9.81 -43.98
CA HIS B 36 18.87 -9.81 -42.53
C HIS B 36 17.77 -10.72 -42.00
N ALA B 37 18.07 -11.42 -40.91
CA ALA B 37 17.14 -12.35 -40.30
C ALA B 37 17.47 -12.53 -38.83
N THR B 38 16.45 -12.48 -37.99
CA THR B 38 16.54 -12.74 -36.56
C THR B 38 15.88 -14.08 -36.25
N VAL B 39 16.44 -14.80 -35.28
CA VAL B 39 15.97 -16.15 -34.97
C VAL B 39 15.53 -16.22 -33.52
N TYR B 40 14.38 -16.86 -33.30
CA TYR B 40 13.84 -17.17 -31.98
C TYR B 40 13.65 -18.67 -31.85
N LYS B 41 13.81 -19.18 -30.64
CA LYS B 41 13.55 -20.58 -30.33
C LYS B 41 12.29 -20.67 -29.48
N TRP B 42 11.53 -21.76 -29.68
CA TRP B 42 10.28 -21.94 -28.95
C TRP B 42 10.40 -23.06 -27.94
N GLY B 43 10.01 -22.75 -26.70
CA GLY B 43 9.94 -23.67 -25.59
C GLY B 43 9.30 -22.95 -24.43
N ASP B 44 8.61 -23.67 -23.53
CA ASP B 44 7.90 -23.07 -22.41
C ASP B 44 6.73 -22.20 -22.88
N ASP B 45 6.19 -22.50 -24.07
CA ASP B 45 5.02 -21.82 -24.62
C ASP B 45 5.20 -20.31 -24.72
N ASN B 46 6.43 -19.87 -24.98
CA ASN B 46 6.69 -18.49 -25.35
C ASN B 46 8.02 -18.45 -26.10
N TRP B 47 8.14 -17.49 -27.01
CA TRP B 47 9.34 -17.39 -27.82
C TRP B 47 10.48 -16.77 -27.03
N ASN B 48 11.70 -17.23 -27.34
CA ASN B 48 12.90 -16.66 -26.75
C ASN B 48 13.83 -16.23 -27.87
N LYS B 49 14.21 -14.95 -27.87
CA LYS B 49 15.10 -14.41 -28.90
C LYS B 49 16.52 -14.92 -28.66
N LEU B 50 17.02 -15.72 -29.60
CA LEU B 50 18.38 -16.25 -29.51
C LEU B 50 19.39 -15.17 -29.89
N GLU B 51 20.66 -15.53 -29.85
CA GLU B 51 21.75 -14.57 -30.10
C GLU B 51 22.34 -14.74 -31.50
N TYR B 52 21.49 -14.88 -32.53
CA TYR B 52 21.94 -14.91 -33.91
C TYR B 52 21.20 -13.86 -34.71
N GLN B 53 21.93 -13.17 -35.59
CA GLN B 53 21.39 -12.04 -36.33
C GLN B 53 22.31 -11.74 -37.50
N GLY B 54 21.77 -11.71 -38.71
CA GLY B 54 22.55 -11.37 -39.87
C GLY B 54 21.93 -11.93 -41.14
N VAL B 55 22.77 -12.00 -42.18
CA VAL B 55 22.31 -12.48 -43.49
C VAL B 55 21.99 -13.97 -43.41
N LEU B 56 20.94 -14.37 -44.12
CA LEU B 56 20.47 -15.76 -44.14
C LEU B 56 20.68 -16.35 -45.52
N ALA B 57 21.22 -17.57 -45.56
CA ALA B 57 21.52 -18.27 -46.80
C ALA B 57 21.00 -19.69 -46.75
N ILE B 58 20.27 -20.09 -47.80
CA ILE B 58 19.85 -21.47 -48.03
C ILE B 58 20.68 -22.01 -49.18
N TYR B 59 21.34 -23.15 -48.95
CA TYR B 59 22.28 -23.68 -49.93
C TYR B 59 22.14 -25.18 -50.08
N LEU B 60 22.49 -25.65 -51.27
CA LEU B 60 22.55 -27.07 -51.59
C LEU B 60 23.86 -27.66 -51.06
N ARG B 61 23.81 -28.92 -50.65
CA ARG B 61 24.98 -29.60 -50.11
C ARG B 61 25.32 -30.82 -50.95
N ASP B 62 26.57 -31.25 -50.84
CA ASP B 62 27.10 -32.37 -51.62
C ASP B 62 27.12 -33.62 -50.74
N VAL B 63 26.29 -34.60 -51.08
CA VAL B 63 26.26 -35.86 -50.33
C VAL B 63 26.34 -37.05 -51.29
N GLY B 64 27.02 -36.86 -52.43
CA GLY B 64 27.31 -38.00 -53.29
C GLY B 64 28.14 -39.04 -52.59
N ASP B 65 29.10 -38.60 -51.77
CA ASP B 65 29.83 -39.51 -50.90
C ASP B 65 28.86 -40.17 -49.92
N LYS B 66 29.09 -41.44 -49.61
CA LYS B 66 28.22 -42.18 -48.72
C LYS B 66 28.85 -42.52 -47.38
N GLU B 67 30.18 -42.50 -47.27
CA GLU B 67 30.85 -42.67 -45.99
C GLU B 67 30.97 -41.36 -45.21
N ALA B 68 30.31 -40.31 -45.69
CA ALA B 68 30.45 -38.98 -45.09
C ALA B 68 30.04 -38.99 -43.63
N ILE B 69 30.98 -38.64 -42.76
CA ILE B 69 30.75 -38.54 -41.33
C ILE B 69 31.05 -37.12 -40.89
N LEU B 70 30.26 -36.62 -39.95
CA LEU B 70 30.32 -35.21 -39.58
C LEU B 70 31.49 -34.92 -38.65
N PRO B 71 31.95 -33.67 -38.61
CA PRO B 71 33.03 -33.29 -37.68
C PRO B 71 32.59 -33.30 -36.22
N GLU B 72 33.38 -32.69 -35.35
CA GLU B 72 33.05 -32.65 -33.92
C GLU B 72 33.60 -31.37 -33.32
N VAL B 73 33.03 -30.99 -32.19
CA VAL B 73 33.42 -29.79 -31.47
C VAL B 73 34.57 -30.12 -30.52
N SER B 74 35.45 -29.15 -30.32
CA SER B 74 36.49 -29.30 -29.30
C SER B 74 35.93 -28.96 -27.92
N SER B 75 34.83 -29.60 -27.54
CA SER B 75 34.16 -29.37 -26.26
C SER B 75 33.90 -27.88 -25.99
N GLU B 86 19.13 -26.62 -19.60
CA GLU B 86 20.03 -27.64 -20.09
C GLU B 86 19.71 -28.01 -21.54
N ALA B 87 18.43 -28.27 -21.81
CA ALA B 87 17.97 -28.50 -23.17
C ALA B 87 17.70 -27.20 -23.92
N ASN B 88 18.21 -26.07 -23.40
CA ASN B 88 18.05 -24.78 -24.07
C ASN B 88 18.90 -24.71 -25.33
N THR B 89 20.11 -25.27 -25.27
CA THR B 89 21.02 -25.30 -26.40
C THR B 89 20.63 -26.41 -27.38
N PRO B 90 20.85 -26.18 -28.67
CA PRO B 90 20.42 -27.15 -29.68
C PRO B 90 21.30 -28.39 -29.70
N HIS B 91 20.81 -29.41 -30.38
CA HIS B 91 21.55 -30.64 -30.60
C HIS B 91 22.26 -30.55 -31.94
N VAL B 92 23.58 -30.66 -31.94
CA VAL B 92 24.35 -30.69 -33.17
C VAL B 92 24.41 -32.12 -33.68
N LEU B 93 24.09 -32.30 -34.95
CA LEU B 93 23.94 -33.64 -35.52
C LEU B 93 25.28 -34.36 -35.58
N THR B 94 25.22 -35.68 -35.38
CA THR B 94 26.34 -36.59 -35.56
C THR B 94 25.93 -37.69 -36.53
N GLY B 95 26.86 -38.61 -36.78
CA GLY B 95 26.57 -39.76 -37.62
C GLY B 95 26.78 -39.51 -39.10
N HIS B 96 25.98 -40.19 -39.93
CA HIS B 96 26.13 -40.09 -41.37
C HIS B 96 25.64 -38.73 -41.88
N ASP B 97 26.37 -38.16 -42.84
CA ASP B 97 26.02 -36.90 -43.47
C ASP B 97 25.10 -37.20 -44.66
N ILE B 98 23.80 -36.99 -44.47
CA ILE B 98 22.80 -37.33 -45.48
C ILE B 98 21.82 -36.18 -45.65
N TYR B 99 22.28 -34.96 -45.41
CA TYR B 99 21.42 -33.78 -45.43
C TYR B 99 21.64 -33.03 -46.73
N ASN B 100 20.60 -32.98 -47.57
CA ASN B 100 20.74 -32.41 -48.90
C ASN B 100 20.92 -30.90 -48.85
N TYR B 101 20.24 -30.22 -47.93
CA TYR B 101 20.21 -28.78 -47.93
C TYR B 101 20.60 -28.24 -46.56
N GLY B 102 21.04 -27.00 -46.55
CA GLY B 102 21.44 -26.34 -45.32
C GLY B 102 20.94 -24.91 -45.28
N LEU B 103 20.64 -24.46 -44.06
CA LEU B 103 20.32 -23.06 -43.79
C LEU B 103 21.35 -22.54 -42.81
N ILE B 104 21.83 -21.32 -43.04
CA ILE B 104 22.82 -20.71 -42.15
C ILE B 104 22.53 -19.22 -42.02
N ILE B 105 22.67 -18.71 -40.80
CA ILE B 105 22.68 -17.28 -40.51
C ILE B 105 24.10 -16.90 -40.15
N MET B 106 24.67 -15.95 -40.89
CA MET B 106 26.02 -15.43 -40.64
C MET B 106 25.93 -14.35 -39.56
N ASN B 107 26.33 -14.70 -38.33
CA ASN B 107 26.03 -13.90 -37.16
C ASN B 107 26.89 -12.64 -37.07
N ARG B 108 26.27 -11.53 -36.68
CA ARG B 108 26.96 -10.28 -36.37
C ARG B 108 27.11 -10.06 -34.86
N ILE B 109 26.54 -10.94 -34.04
CA ILE B 109 26.63 -10.83 -32.59
C ILE B 109 27.93 -11.43 -32.07
N ASN B 110 28.21 -12.68 -32.43
CA ASN B 110 29.39 -13.39 -31.96
C ASN B 110 29.83 -14.34 -33.06
N PRO B 111 31.01 -14.95 -32.93
CA PRO B 111 31.54 -15.76 -34.04
C PRO B 111 30.71 -16.98 -34.43
N ASP B 112 29.76 -17.42 -33.60
CA ASP B 112 29.03 -18.65 -33.87
C ASP B 112 27.82 -18.36 -34.75
N ASN B 113 27.71 -19.11 -35.84
CA ASN B 113 26.65 -18.95 -36.83
C ASN B 113 25.50 -19.91 -36.55
N PHE B 114 24.33 -19.59 -37.11
CA PHE B 114 23.15 -20.43 -36.91
C PHE B 114 23.02 -21.43 -38.04
N SER B 115 22.93 -22.72 -37.67
CA SER B 115 22.88 -23.80 -38.66
C SER B 115 21.60 -24.60 -38.47
N LEU B 116 20.94 -24.92 -39.59
CA LEU B 116 19.79 -25.80 -39.60
C LEU B 116 19.92 -26.75 -40.77
N ALA B 117 19.95 -28.05 -40.49
CA ALA B 117 19.95 -29.04 -41.55
C ALA B 117 18.56 -29.14 -42.17
N ILE B 118 18.52 -29.40 -43.48
CA ILE B 118 17.27 -29.60 -44.19
C ILE B 118 17.39 -30.89 -44.99
N ALA B 119 16.62 -31.90 -44.59
CA ALA B 119 16.52 -33.16 -45.31
C ALA B 119 15.09 -33.33 -45.81
N PRO B 120 14.89 -33.63 -47.09
CA PRO B 120 13.53 -33.81 -47.60
C PRO B 120 12.85 -35.01 -46.96
N ASN B 121 11.53 -35.07 -47.11
CA ASN B 121 10.78 -36.16 -46.51
C ASN B 121 11.06 -37.49 -47.22
N SER B 122 11.25 -37.46 -48.53
CA SER B 122 11.50 -38.68 -49.29
C SER B 122 12.83 -39.32 -48.88
N VAL B 123 13.89 -38.51 -48.79
CA VAL B 123 15.20 -39.03 -48.40
C VAL B 123 15.16 -39.58 -46.98
N LEU B 124 14.33 -38.99 -46.11
CA LEU B 124 14.26 -39.43 -44.72
C LEU B 124 13.53 -40.76 -44.60
N ASN B 125 12.30 -40.83 -45.14
CA ASN B 125 11.55 -42.08 -45.08
C ASN B 125 12.25 -43.19 -45.84
N LYS B 126 13.05 -42.84 -46.86
CA LYS B 126 13.89 -43.82 -47.51
C LYS B 126 15.03 -44.25 -46.60
N ARG B 127 15.57 -43.32 -45.81
CA ARG B 127 16.59 -43.65 -44.83
C ARG B 127 16.07 -44.62 -43.77
N LYS B 128 14.77 -44.57 -43.48
CA LYS B 128 14.17 -45.55 -42.58
C LYS B 128 14.52 -46.98 -42.98
N LEU B 129 14.51 -47.27 -44.28
CA LEU B 129 14.68 -48.65 -44.77
C LEU B 129 16.17 -49.00 -44.76
N PHE B 130 16.67 -49.24 -43.54
CA PHE B 130 18.07 -49.51 -43.25
C PHE B 130 18.08 -50.31 -41.95
N ALA B 131 18.73 -51.48 -41.97
CA ALA B 131 18.60 -52.44 -40.87
C ALA B 131 18.96 -51.87 -39.50
N PRO B 132 20.15 -51.29 -39.27
CA PRO B 132 20.55 -51.02 -37.88
C PRO B 132 19.55 -50.15 -37.11
N ASN B 133 18.96 -49.15 -37.76
CA ASN B 133 18.17 -48.13 -37.06
C ASN B 133 18.98 -47.55 -35.91
N ARG B 134 20.30 -47.50 -36.08
CA ARG B 134 21.23 -47.02 -35.06
C ARG B 134 21.61 -45.56 -35.26
N GLU B 135 21.70 -45.11 -36.51
CA GLU B 135 21.97 -43.70 -36.77
C GLU B 135 20.91 -42.82 -36.10
N GLU B 136 21.27 -41.55 -35.90
CA GLU B 136 20.51 -40.67 -35.02
C GLU B 136 19.05 -40.56 -35.45
N GLU B 137 18.14 -40.72 -34.49
CA GLU B 137 16.73 -40.67 -34.79
C GLU B 137 16.32 -39.26 -35.18
N LEU B 138 15.63 -39.14 -36.32
CA LEU B 138 15.21 -37.86 -36.84
C LEU B 138 13.69 -37.84 -36.95
N GLU B 139 13.16 -36.71 -37.43
CA GLU B 139 11.75 -36.52 -37.67
C GLU B 139 11.60 -35.61 -38.87
N PRO B 140 10.59 -35.82 -39.71
CA PRO B 140 10.38 -34.91 -40.85
C PRO B 140 10.14 -33.49 -40.37
N MET B 141 10.74 -32.55 -41.10
CA MET B 141 10.59 -31.14 -40.75
C MET B 141 9.21 -30.63 -41.14
N LYS B 142 8.84 -29.51 -40.55
CA LYS B 142 7.65 -28.78 -40.98
C LYS B 142 7.99 -27.30 -41.07
N VAL B 143 7.19 -26.56 -41.83
CA VAL B 143 7.45 -25.14 -42.01
C VAL B 143 6.11 -24.43 -42.16
N GLU B 144 6.02 -23.23 -41.58
CA GLU B 144 4.78 -22.49 -41.49
C GLU B 144 5.10 -21.00 -41.52
N VAL B 145 4.15 -20.21 -42.01
CA VAL B 145 4.20 -18.76 -41.92
C VAL B 145 2.99 -18.29 -41.14
N ARG B 146 3.20 -17.41 -40.18
CA ARG B 146 2.08 -16.84 -39.43
C ARG B 146 2.48 -15.44 -39.00
N ASP B 147 1.69 -14.44 -39.40
CA ASP B 147 1.92 -13.05 -39.05
C ASP B 147 3.38 -12.65 -39.26
N ASP B 148 3.93 -13.06 -40.40
CA ASP B 148 5.27 -12.72 -40.90
C ASP B 148 6.39 -13.46 -40.19
N LEU B 149 6.10 -14.49 -39.40
CA LEU B 149 7.12 -15.31 -38.77
C LEU B 149 7.17 -16.66 -39.47
N VAL B 150 8.39 -17.15 -39.71
CA VAL B 150 8.60 -18.40 -40.43
C VAL B 150 9.06 -19.45 -39.42
N MET B 151 8.14 -20.32 -39.02
CA MET B 151 8.44 -21.35 -38.03
C MET B 151 8.82 -22.65 -38.71
N ILE B 152 9.81 -23.33 -38.13
CA ILE B 152 10.36 -24.57 -38.66
C ILE B 152 10.45 -25.59 -37.52
N LYS B 153 9.90 -26.78 -37.75
CA LYS B 153 10.09 -27.94 -36.89
C LYS B 153 11.24 -28.75 -37.49
N THR B 154 12.36 -28.80 -36.77
CA THR B 154 13.59 -29.40 -37.26
C THR B 154 13.55 -30.92 -37.16
N LEU B 155 14.58 -31.56 -37.73
CA LEU B 155 14.72 -33.01 -37.59
C LEU B 155 14.79 -33.41 -36.13
N LYS B 156 15.51 -32.65 -35.32
CA LYS B 156 15.71 -32.92 -33.91
C LYS B 156 14.52 -32.53 -33.05
N LYS B 157 13.38 -32.20 -33.65
CA LYS B 157 12.11 -31.86 -33.00
C LYS B 157 12.12 -30.44 -32.43
N GLU B 158 13.29 -29.80 -32.28
CA GLU B 158 13.33 -28.40 -31.90
C GLU B 158 12.54 -27.55 -32.90
N VAL B 159 11.95 -26.46 -32.42
CA VAL B 159 11.14 -25.60 -33.26
C VAL B 159 11.61 -24.15 -33.12
N TYR B 160 11.81 -23.49 -34.25
CA TYR B 160 12.36 -22.15 -34.33
C TYR B 160 11.45 -21.26 -35.18
N GLY B 161 11.62 -19.97 -35.01
CA GLY B 161 10.92 -18.99 -35.83
C GLY B 161 11.89 -17.94 -36.31
N ILE B 162 11.73 -17.55 -37.56
CA ILE B 162 12.66 -16.64 -38.22
C ILE B 162 11.89 -15.40 -38.66
N TRP B 163 12.43 -14.24 -38.31
CA TRP B 163 11.91 -12.94 -38.70
C TRP B 163 12.88 -12.33 -39.71
N VAL B 164 12.53 -12.38 -40.97
CA VAL B 164 13.37 -11.86 -42.04
C VAL B 164 13.02 -10.40 -42.29
N HIS B 165 14.05 -9.56 -42.47
CA HIS B 165 13.85 -8.13 -42.60
C HIS B 165 13.05 -7.78 -43.86
N THR B 166 13.53 -8.23 -45.01
CA THR B 166 12.86 -7.93 -46.28
C THR B 166 11.49 -8.58 -46.32
N PRO B 167 10.40 -7.81 -46.46
CA PRO B 167 9.06 -8.44 -46.39
C PRO B 167 8.78 -9.43 -47.50
N GLU B 168 9.11 -9.09 -48.76
CA GLU B 168 8.85 -9.98 -49.88
C GLU B 168 9.47 -11.36 -49.66
N ASP B 169 10.61 -11.42 -48.97
CA ASP B 169 11.30 -12.69 -48.77
C ASP B 169 10.57 -13.61 -47.81
N ARG B 170 9.75 -13.06 -46.90
CA ARG B 170 9.06 -13.90 -45.91
C ARG B 170 8.28 -15.02 -46.58
N GLN B 171 7.54 -14.69 -47.63
CA GLN B 171 6.87 -15.72 -48.42
C GLN B 171 7.90 -16.62 -49.09
N ASN B 172 8.85 -16.02 -49.81
CA ASN B 172 9.81 -16.77 -50.61
C ASN B 172 10.41 -17.94 -49.85
N ILE B 173 11.13 -17.63 -48.78
CA ILE B 173 11.76 -18.61 -47.90
C ILE B 173 10.80 -19.79 -47.73
N TYR B 174 9.60 -19.49 -47.19
CA TYR B 174 8.61 -20.53 -46.94
C TYR B 174 8.47 -21.46 -48.12
N GLU B 175 8.03 -20.92 -49.26
CA GLU B 175 7.81 -21.74 -50.43
C GLU B 175 9.06 -22.58 -50.72
N LEU B 176 10.21 -21.91 -50.79
CA LEU B 176 11.45 -22.62 -51.06
C LEU B 176 11.65 -23.75 -50.06
N ILE B 177 11.58 -23.42 -48.77
CA ILE B 177 11.73 -24.47 -47.74
C ILE B 177 10.71 -25.57 -47.99
N LYS B 178 9.45 -25.18 -48.15
CA LYS B 178 8.41 -26.17 -48.43
C LYS B 178 8.80 -26.99 -49.65
N TYR B 179 9.21 -26.33 -50.73
CA TYR B 179 9.70 -27.04 -51.91
C TYR B 179 10.77 -28.05 -51.52
N LEU B 180 11.81 -27.59 -50.81
CA LEU B 180 12.92 -28.46 -50.45
C LEU B 180 12.47 -29.64 -49.60
N LEU B 181 11.32 -29.53 -48.92
CA LEU B 181 10.82 -30.65 -48.14
C LEU B 181 10.02 -31.63 -49.01
N GLU B 182 9.22 -31.13 -49.95
CA GLU B 182 8.24 -31.99 -50.59
C GLU B 182 8.84 -32.83 -51.72
N ASN B 183 9.87 -32.33 -52.40
CA ASN B 183 10.32 -32.93 -53.65
C ASN B 183 11.62 -33.71 -53.48
N GLU B 184 11.84 -34.63 -54.43
CA GLU B 184 13.11 -35.32 -54.53
C GLU B 184 14.19 -34.31 -54.92
N PRO B 185 15.42 -34.53 -54.47
CA PRO B 185 16.48 -33.54 -54.68
C PRO B 185 17.42 -33.85 -55.85
N THR B 186 17.66 -32.88 -56.72
CA THR B 186 18.60 -32.98 -57.83
C THR B 186 18.76 -31.61 -58.46
N ASP B 187 19.98 -31.30 -58.88
CA ASP B 187 20.31 -30.06 -59.60
C ASP B 187 19.88 -28.80 -58.86
N LYS C 3 21.17 13.08 -40.29
CA LYS C 3 21.51 13.37 -38.91
C LYS C 3 20.45 12.84 -37.96
N CYS C 4 19.79 11.74 -38.35
CA CYS C 4 18.64 11.24 -37.61
C CYS C 4 18.99 10.12 -36.65
N TYR C 5 19.61 9.04 -37.12
CA TYR C 5 19.75 7.84 -36.29
C TYR C 5 21.13 7.24 -36.45
N ALA C 6 21.38 6.21 -35.65
CA ALA C 6 22.67 5.54 -35.57
C ALA C 6 22.49 4.04 -35.74
N GLY C 7 23.59 3.37 -36.07
CA GLY C 7 23.57 1.94 -36.21
C GLY C 7 22.91 1.49 -37.50
N ALA C 8 22.57 0.20 -37.52
CA ALA C 8 21.93 -0.40 -38.67
C ALA C 8 20.47 0.05 -38.78
N THR C 9 19.99 0.15 -40.02
CA THR C 9 18.58 0.48 -40.24
C THR C 9 17.67 -0.60 -39.69
N PHE C 10 18.17 -1.83 -39.56
CA PHE C 10 17.41 -2.94 -39.00
C PHE C 10 17.76 -3.20 -37.54
N ALA C 11 18.48 -2.27 -36.90
CA ALA C 11 19.02 -2.52 -35.56
C ALA C 11 17.91 -2.77 -34.55
N THR C 12 16.81 -2.02 -34.66
CA THR C 12 15.75 -2.07 -33.67
C THR C 12 14.42 -2.54 -34.24
N GLU C 13 14.44 -3.23 -35.38
CA GLU C 13 13.21 -3.65 -36.03
C GLU C 13 12.68 -4.99 -35.53
N ALA C 14 13.50 -5.78 -34.85
CA ALA C 14 13.06 -7.11 -34.40
C ALA C 14 11.92 -6.99 -33.39
N PRO C 15 10.78 -7.63 -33.62
CA PRO C 15 9.64 -7.52 -32.70
C PRO C 15 9.85 -8.31 -31.42
N GLN C 16 9.10 -7.91 -30.39
CA GLN C 16 9.16 -8.58 -29.10
C GLN C 16 8.38 -9.89 -29.13
N VAL C 17 8.81 -10.84 -28.29
CA VAL C 17 8.26 -12.20 -28.32
C VAL C 17 6.77 -12.21 -28.00
N THR C 18 6.29 -11.19 -27.27
CA THR C 18 4.88 -11.17 -26.86
C THR C 18 3.92 -10.91 -28.01
N THR C 19 4.43 -10.58 -29.20
CA THR C 19 3.58 -10.30 -30.35
C THR C 19 3.69 -11.38 -31.41
N LEU C 20 4.37 -12.48 -31.11
CA LEU C 20 4.66 -13.49 -32.12
C LEU C 20 3.64 -14.62 -32.07
N PRO C 21 3.34 -15.23 -33.21
CA PRO C 21 2.35 -16.30 -33.26
C PRO C 21 2.88 -17.58 -32.64
N LYS C 22 1.94 -18.41 -32.20
CA LYS C 22 2.21 -19.73 -31.64
C LYS C 22 2.44 -20.72 -32.79
N PRO C 23 3.42 -21.63 -32.65
CA PRO C 23 3.70 -22.60 -33.71
C PRO C 23 2.48 -23.40 -34.13
N SER C 24 1.84 -24.07 -33.17
CA SER C 24 0.57 -24.78 -33.35
C SER C 24 0.64 -25.96 -34.30
N PHE C 25 1.84 -26.42 -34.67
CA PHE C 25 1.90 -27.62 -35.51
C PHE C 25 2.70 -28.72 -34.81
N MET D 1 -3.44 12.50 15.81
CA MET D 1 -4.42 12.34 16.88
C MET D 1 -5.36 11.19 16.53
N LEU D 2 -6.27 10.85 17.44
CA LEU D 2 -7.28 9.84 17.18
C LEU D 2 -8.13 10.20 15.96
N ASN D 3 -8.22 11.49 15.65
CA ASN D 3 -8.99 11.97 14.52
C ASN D 3 -8.15 11.91 13.25
N PHE D 4 -8.78 11.50 12.16
CA PHE D 4 -8.17 11.47 10.84
C PHE D 4 -8.91 12.44 9.93
N LYS D 5 -9.45 13.49 10.54
CA LYS D 5 -10.25 14.46 9.81
C LYS D 5 -9.40 15.21 8.80
N GLY D 6 -9.92 15.30 7.57
CA GLY D 6 -9.22 15.90 6.46
C GLY D 6 -8.60 14.91 5.51
N TYR D 7 -8.50 13.64 5.89
CA TYR D 7 -7.96 12.62 5.01
C TYR D 7 -8.94 12.33 3.87
N GLN D 8 -8.40 12.13 2.67
CA GLN D 8 -9.20 11.78 1.50
C GLN D 8 -9.48 10.28 1.50
N ILE D 9 -10.76 9.90 1.44
CA ILE D 9 -11.17 8.53 1.71
C ILE D 9 -12.00 8.01 0.55
N GLU D 10 -11.84 6.73 0.24
CA GLU D 10 -12.65 6.02 -0.76
C GLU D 10 -13.08 4.68 -0.17
N ILE D 11 -14.39 4.41 -0.23
CA ILE D 11 -14.99 3.24 0.40
C ILE D 11 -15.78 2.48 -0.66
N GLU D 12 -16.11 1.23 -0.34
CA GLU D 12 -16.77 0.36 -1.31
C GLU D 12 -17.96 -0.31 -0.63
N LEU D 13 -19.02 -0.56 -1.41
CA LEU D 13 -20.22 -1.23 -0.93
C LEU D 13 -20.28 -2.66 -1.50
N LYS D 14 -21.46 -3.28 -1.47
CA LYS D 14 -21.53 -4.71 -1.76
C LYS D 14 -21.25 -5.04 -3.22
N ASP D 15 -21.60 -4.14 -4.14
CA ASP D 15 -21.42 -4.40 -5.57
C ASP D 15 -20.20 -3.71 -6.14
N GLY D 16 -19.15 -3.56 -5.34
CA GLY D 16 -17.99 -2.81 -5.78
C GLY D 16 -18.22 -1.34 -6.03
N LYS D 17 -19.40 -0.82 -5.71
CA LYS D 17 -19.63 0.62 -5.85
C LYS D 17 -18.78 1.39 -4.84
N ARG D 18 -18.21 2.52 -5.28
CA ARG D 18 -17.21 3.28 -4.52
C ARG D 18 -17.68 4.70 -4.26
N ILE D 19 -17.52 5.16 -3.01
CA ILE D 19 -17.86 6.50 -2.61
C ILE D 19 -16.56 7.19 -2.21
N THR D 20 -16.37 8.43 -2.66
CA THR D 20 -15.17 9.19 -2.34
C THR D 20 -15.57 10.46 -1.61
N GLY D 21 -14.84 10.80 -0.55
CA GLY D 21 -15.18 11.99 0.20
C GLY D 21 -14.13 12.31 1.24
N THR D 22 -14.32 13.46 1.89
CA THR D 22 -13.41 13.92 2.93
C THR D 22 -13.93 13.52 4.30
N LEU D 23 -13.06 12.98 5.15
CA LEU D 23 -13.49 12.45 6.44
C LEU D 23 -13.84 13.58 7.40
N LYS D 24 -15.11 13.63 7.81
CA LYS D 24 -15.65 14.63 8.72
C LYS D 24 -15.50 14.22 10.18
N GLN D 25 -15.85 12.97 10.50
CA GLN D 25 -15.60 12.38 11.81
C GLN D 25 -15.85 10.89 11.71
N VAL D 26 -15.20 10.14 12.60
CA VAL D 26 -15.29 8.68 12.59
C VAL D 26 -15.39 8.16 14.03
N SER D 27 -16.25 7.18 14.22
CA SER D 27 -16.40 6.44 15.47
C SER D 27 -16.52 4.97 15.12
N PRO D 28 -16.37 4.05 16.09
CA PRO D 28 -16.47 2.61 15.79
C PRO D 28 -17.71 2.17 15.03
N LYS D 29 -18.79 2.93 15.08
CA LYS D 29 -20.05 2.49 14.47
C LYS D 29 -20.41 3.23 13.19
N SER D 30 -19.97 4.48 13.02
CA SER D 30 -20.41 5.30 11.90
C SER D 30 -19.24 6.10 11.35
N LEU D 31 -19.39 6.50 10.08
CA LEU D 31 -18.39 7.26 9.34
C LEU D 31 -19.09 8.36 8.57
N THR D 32 -18.59 9.59 8.71
CA THR D 32 -19.18 10.76 8.06
C THR D 32 -18.18 11.36 7.08
N LEU D 33 -18.68 11.72 5.89
CA LEU D 33 -17.89 12.32 4.83
C LEU D 33 -18.54 13.61 4.37
N THR D 34 -17.73 14.49 3.78
CA THR D 34 -18.22 15.69 3.12
C THR D 34 -17.80 15.68 1.66
N ASP D 35 -18.63 16.34 0.84
CA ASP D 35 -18.50 16.43 -0.62
C ASP D 35 -18.27 15.06 -1.26
N ALA D 36 -19.08 14.09 -0.84
CA ALA D 36 -18.96 12.73 -1.35
C ALA D 36 -19.39 12.65 -2.81
N VAL D 37 -18.50 12.16 -3.67
CA VAL D 37 -18.81 11.86 -5.07
C VAL D 37 -19.05 10.35 -5.19
N PHE D 38 -20.03 9.97 -6.02
CA PHE D 38 -20.43 8.58 -6.18
C PHE D 38 -19.99 8.08 -7.55
N GLN D 39 -19.49 6.83 -7.57
CA GLN D 39 -19.03 6.22 -8.83
C GLN D 39 -20.13 6.22 -9.87
N ASP D 40 -21.34 5.81 -9.48
CA ASP D 40 -22.44 5.71 -10.43
C ASP D 40 -23.14 7.04 -10.67
N GLY D 41 -22.68 8.12 -10.06
CA GLY D 41 -23.26 9.42 -10.33
C GLY D 41 -23.90 10.04 -9.10
N GLY D 42 -23.62 11.32 -8.88
CA GLY D 42 -24.23 12.09 -7.82
C GLY D 42 -23.27 12.59 -6.77
N VAL D 43 -23.45 13.85 -6.36
CA VAL D 43 -22.65 14.46 -5.32
C VAL D 43 -23.52 14.74 -4.10
N SER D 44 -22.87 14.83 -2.93
CA SER D 44 -23.59 15.09 -1.70
C SER D 44 -22.69 15.85 -0.72
N PRO D 45 -23.17 16.95 -0.14
CA PRO D 45 -22.30 17.73 0.75
C PRO D 45 -21.96 17.02 2.05
N VAL D 46 -22.89 16.22 2.59
CA VAL D 46 -22.65 15.43 3.80
C VAL D 46 -23.21 14.04 3.59
N PHE D 47 -22.42 13.01 3.92
CA PHE D 47 -22.79 11.62 3.72
C PHE D 47 -22.46 10.82 4.97
N LYS D 48 -23.46 10.20 5.58
CA LYS D 48 -23.29 9.41 6.79
C LYS D 48 -23.56 7.94 6.50
N ILE D 49 -22.63 7.07 6.90
CA ILE D 49 -22.66 5.65 6.56
C ILE D 49 -22.30 4.83 7.79
N LYS D 50 -22.81 3.62 7.86
CA LYS D 50 -22.58 2.73 8.99
C LYS D 50 -21.55 1.66 8.61
N ALA D 51 -20.72 1.29 9.58
CA ALA D 51 -19.68 0.28 9.34
C ALA D 51 -20.25 -1.06 8.91
N ASP D 52 -21.56 -1.29 9.12
CA ASP D 52 -22.15 -2.56 8.72
C ASP D 52 -22.12 -2.73 7.21
N LYS D 53 -22.30 -1.64 6.47
CA LYS D 53 -22.46 -1.70 5.03
C LYS D 53 -21.15 -1.54 4.27
N LEU D 54 -20.01 -1.55 4.95
CA LEU D 54 -18.72 -1.31 4.33
C LEU D 54 -17.98 -2.62 4.10
N TYR D 55 -17.55 -2.84 2.86
CA TYR D 55 -16.80 -4.04 2.50
C TYR D 55 -15.30 -3.81 2.37
N ASP D 56 -14.87 -2.60 1.99
CA ASP D 56 -13.47 -2.26 2.06
C ASP D 56 -13.33 -0.73 2.03
N LEU D 57 -12.23 -0.24 2.59
CA LEU D 57 -11.93 1.18 2.69
C LEU D 57 -10.45 1.39 2.37
N LYS D 58 -10.14 2.43 1.61
CA LYS D 58 -8.75 2.77 1.35
C LYS D 58 -8.64 4.29 1.26
N VAL D 59 -7.43 4.80 1.48
CA VAL D 59 -7.18 6.23 1.65
C VAL D 59 -6.29 6.73 0.51
N LEU D 60 -6.62 7.93 0.00
CA LEU D 60 -5.94 8.49 -1.17
C LEU D 60 -5.01 9.65 -0.82
N LYS D 61 -5.52 10.71 -0.19
CA LYS D 61 -4.73 11.90 0.05
C LYS D 61 -4.69 12.23 1.53
N LEU D 62 -3.68 13.00 1.91
CA LEU D 62 -3.55 13.61 3.23
C LEU D 62 -4.27 14.94 3.25
N PRO D 63 -4.53 15.50 4.43
CA PRO D 63 -5.17 16.81 4.49
C PRO D 63 -4.21 17.89 4.02
N PRO D 64 -4.72 18.91 3.31
CA PRO D 64 -3.82 19.88 2.66
C PRO D 64 -2.75 20.47 3.57
N ASN D 65 -3.05 20.67 4.85
CA ASN D 65 -2.07 21.07 5.85
C ASN D 65 -1.30 22.33 5.44
N SER E 2 -23.39 27.14 32.84
CA SER E 2 -24.08 28.38 32.53
C SER E 2 -24.37 29.15 33.81
N LEU E 3 -25.10 28.51 34.77
CA LEU E 3 -25.37 29.15 36.05
C LEU E 3 -24.27 28.84 37.05
N PRO E 4 -23.85 29.83 37.85
CA PRO E 4 -22.86 29.57 38.90
C PRO E 4 -23.42 28.67 39.98
N LEU E 5 -22.88 27.46 40.11
CA LEU E 5 -23.30 26.52 41.14
C LEU E 5 -22.25 26.45 42.23
N LEU E 6 -22.71 26.38 43.48
CA LEU E 6 -21.80 26.24 44.61
C LEU E 6 -21.21 24.84 44.63
N ARG E 7 -20.25 24.63 45.53
CA ARG E 7 -19.62 23.34 45.74
C ARG E 7 -19.92 22.92 47.17
N PRO E 8 -21.12 22.37 47.43
CA PRO E 8 -21.48 22.01 48.81
C PRO E 8 -20.51 21.01 49.43
N PHE E 9 -19.99 20.09 48.63
CA PHE E 9 -19.07 19.06 49.12
C PHE E 9 -17.93 19.63 49.96
N GLU E 10 -17.58 20.90 49.75
CA GLU E 10 -16.48 21.50 50.49
C GLU E 10 -16.81 21.65 51.97
N THR E 11 -18.01 22.15 52.28
CA THR E 11 -18.37 22.55 53.64
C THR E 11 -19.48 21.71 54.25
N VAL E 12 -20.01 20.73 53.53
CA VAL E 12 -21.24 20.06 53.92
C VAL E 12 -20.93 18.89 54.84
N SER E 13 -21.84 18.66 55.80
CA SER E 13 -21.74 17.55 56.73
C SER E 13 -21.73 16.22 55.97
N LEU E 14 -21.43 15.13 56.68
CA LEU E 14 -21.32 13.84 56.01
C LEU E 14 -22.69 13.33 55.57
N GLU E 15 -23.71 13.45 56.43
CA GLU E 15 -25.04 12.96 56.07
C GLU E 15 -25.53 13.59 54.77
N ASN E 16 -25.36 14.91 54.64
CA ASN E 16 -25.87 15.58 53.45
C ASN E 16 -25.04 15.26 52.22
N ALA E 17 -23.73 15.05 52.39
CA ALA E 17 -22.90 14.62 51.27
C ALA E 17 -23.33 13.24 50.78
N VAL E 18 -23.63 12.34 51.72
CA VAL E 18 -24.24 11.06 51.35
C VAL E 18 -25.54 11.30 50.58
N GLU E 19 -26.35 12.26 51.02
CA GLU E 19 -27.61 12.53 50.32
C GLU E 19 -27.36 12.94 48.87
N ASP E 20 -26.39 13.85 48.67
CA ASP E 20 -25.95 14.23 47.32
C ASP E 20 -25.58 13.00 46.49
N LEU E 21 -24.70 12.15 47.03
CA LEU E 21 -24.31 10.94 46.31
C LEU E 21 -25.52 10.06 46.00
N VAL E 22 -26.48 9.97 46.92
CA VAL E 22 -27.64 9.12 46.70
C VAL E 22 -28.50 9.66 45.57
N VAL E 23 -28.61 10.99 45.47
CA VAL E 23 -29.30 11.58 44.32
C VAL E 23 -28.56 11.27 43.04
N ARG E 24 -27.23 11.39 43.07
CA ARG E 24 -26.44 11.23 41.84
C ARG E 24 -26.50 9.80 41.31
N PHE E 25 -26.44 8.81 42.20
CA PHE E 25 -26.11 7.46 41.78
C PHE E 25 -27.18 6.41 41.99
N ILE E 26 -28.14 6.62 42.89
CA ILE E 26 -29.06 5.53 43.23
C ILE E 26 -30.51 5.97 43.17
N LEU E 27 -30.79 7.20 43.64
CA LEU E 27 -32.17 7.61 43.84
C LEU E 27 -32.94 7.71 42.52
N ASN E 28 -32.27 8.15 41.46
CA ASN E 28 -32.96 8.52 40.23
C ASN E 28 -32.62 7.62 39.05
N VAL E 29 -31.97 6.48 39.28
CA VAL E 29 -31.61 5.58 38.19
C VAL E 29 -32.89 5.04 37.56
N PRO E 30 -32.87 4.69 36.28
CA PRO E 30 -34.05 4.06 35.66
C PRO E 30 -34.39 2.75 36.37
N PRO E 31 -35.65 2.32 36.30
CA PRO E 31 -36.05 1.13 37.08
C PRO E 31 -35.29 -0.12 36.71
N GLU E 32 -34.83 -0.21 35.46
CA GLU E 32 -34.04 -1.36 35.02
C GLU E 32 -32.83 -1.61 35.93
N ASP E 33 -32.30 -0.56 36.54
CA ASP E 33 -31.12 -0.66 37.40
C ASP E 33 -31.45 -0.96 38.85
N LEU E 34 -32.74 -1.02 39.22
CA LEU E 34 -33.15 -1.37 40.57
C LEU E 34 -33.80 -2.74 40.63
N SER E 35 -33.58 -3.58 39.61
CA SER E 35 -34.32 -4.83 39.49
C SER E 35 -33.88 -5.84 40.54
N THR E 36 -32.57 -6.05 40.69
CA THR E 36 -32.04 -7.03 41.63
C THR E 36 -31.03 -6.36 42.54
N VAL E 37 -30.66 -7.08 43.61
CA VAL E 37 -29.64 -6.59 44.52
C VAL E 37 -28.31 -6.42 43.79
N GLU E 38 -28.01 -7.34 42.87
CA GLU E 38 -26.75 -7.28 42.14
C GLU E 38 -26.68 -6.01 41.30
N ARG E 39 -27.79 -5.61 40.68
CA ARG E 39 -27.79 -4.42 39.84
C ARG E 39 -27.57 -3.15 40.66
N VAL E 40 -28.34 -2.99 41.74
CA VAL E 40 -28.22 -1.78 42.55
C VAL E 40 -26.84 -1.71 43.21
N LEU E 41 -26.26 -2.84 43.59
CA LEU E 41 -24.97 -2.80 44.26
C LEU E 41 -23.88 -2.22 43.37
N PHE E 42 -24.04 -2.31 42.05
CA PHE E 42 -23.09 -1.64 41.16
C PHE E 42 -23.16 -0.13 41.30
N HIS E 43 -24.38 0.41 41.40
CA HIS E 43 -24.54 1.85 41.63
C HIS E 43 -23.99 2.24 43.00
N PHE E 44 -24.19 1.39 44.01
CA PHE E 44 -23.54 1.60 45.29
C PHE E 44 -22.02 1.68 45.14
N GLU E 45 -21.47 0.83 44.27
CA GLU E 45 -20.02 0.76 44.09
C GLU E 45 -19.49 2.01 43.42
N GLU E 46 -20.08 2.42 42.30
CA GLU E 46 -19.66 3.65 41.66
C GLU E 46 -19.83 4.84 42.59
N ALA E 47 -20.87 4.84 43.43
CA ALA E 47 -21.04 5.91 44.40
C ALA E 47 -19.89 5.94 45.40
N SER E 48 -19.51 4.77 45.92
CA SER E 48 -18.40 4.71 46.86
C SER E 48 -17.11 5.22 46.22
N TRP E 49 -16.79 4.74 45.02
CA TRP E 49 -15.60 5.25 44.32
C TRP E 49 -15.67 6.76 44.15
N PHE E 50 -16.85 7.28 43.80
CA PHE E 50 -17.01 8.72 43.66
C PHE E 50 -16.70 9.43 44.96
N TYR E 51 -17.12 8.84 46.10
CA TYR E 51 -16.80 9.42 47.40
C TYR E 51 -15.29 9.45 47.63
N THR E 52 -14.62 8.32 47.39
CA THR E 52 -13.19 8.24 47.71
C THR E 52 -12.35 9.14 46.81
N ASP E 53 -12.59 9.07 45.49
CA ASP E 53 -11.74 9.76 44.53
C ASP E 53 -11.97 11.27 44.48
N PHE E 54 -13.15 11.76 44.89
CA PHE E 54 -13.47 13.17 44.81
C PHE E 54 -13.85 13.76 46.15
N VAL E 55 -14.91 13.25 46.80
CA VAL E 55 -15.47 13.91 47.98
C VAL E 55 -14.45 13.93 49.11
N LYS E 56 -13.74 12.83 49.33
CA LYS E 56 -12.72 12.79 50.37
C LYS E 56 -11.61 13.79 50.10
N LEU E 57 -11.37 14.11 48.83
CA LEU E 57 -10.34 15.08 48.47
C LEU E 57 -10.76 16.50 48.81
N MET E 58 -12.06 16.81 48.66
CA MET E 58 -12.53 18.17 48.91
C MET E 58 -12.59 18.47 50.41
N ASN E 59 -13.07 17.52 51.21
CA ASN E 59 -13.20 17.69 52.65
C ASN E 59 -12.32 16.64 53.33
N PRO E 60 -11.07 16.98 53.64
CA PRO E 60 -10.22 16.04 54.40
C PRO E 60 -10.77 15.72 55.78
N TYR E 61 -11.65 16.56 56.33
CA TYR E 61 -12.27 16.26 57.62
C TYR E 61 -13.22 15.07 57.56
N LEU E 62 -13.39 14.45 56.39
CA LEU E 62 -14.26 13.30 56.18
C LEU E 62 -13.49 12.00 56.42
N PRO E 63 -14.18 10.93 56.79
CA PRO E 63 -13.50 9.66 57.05
C PRO E 63 -13.24 8.86 55.78
N ASN E 64 -12.19 8.05 55.84
CA ASN E 64 -11.98 7.04 54.81
C ASN E 64 -13.04 5.96 54.95
N LEU E 65 -13.71 5.65 53.84
CA LEU E 65 -14.86 4.75 53.88
C LEU E 65 -14.64 3.57 52.95
N SER E 66 -14.59 2.37 53.53
CA SER E 66 -14.63 1.16 52.73
C SER E 66 -15.96 1.09 51.99
N ILE E 67 -16.04 0.16 51.03
CA ILE E 67 -17.32 -0.07 50.37
C ILE E 67 -18.35 -0.58 51.36
N LYS E 68 -17.91 -1.42 52.30
CA LYS E 68 -18.81 -1.95 53.32
C LYS E 68 -19.30 -0.84 54.24
N SER E 69 -18.37 -0.04 54.78
CA SER E 69 -18.75 1.05 55.67
C SER E 69 -19.63 2.07 54.95
N PHE E 70 -19.21 2.49 53.75
CA PHE E 70 -20.00 3.41 52.94
C PHE E 70 -21.41 2.89 52.74
N SER E 71 -21.54 1.61 52.39
CA SER E 71 -22.87 1.03 52.24
C SER E 71 -23.66 1.12 53.54
N LYS E 72 -23.01 0.85 54.67
CA LYS E 72 -23.68 0.99 55.97
C LYS E 72 -24.23 2.39 56.16
N ILE E 73 -23.38 3.41 56.02
CA ILE E 73 -23.83 4.78 56.24
C ILE E 73 -24.94 5.15 55.26
N VAL E 74 -24.85 4.66 54.01
CA VAL E 74 -25.86 5.01 53.02
C VAL E 74 -27.22 4.41 53.39
N ILE E 75 -27.25 3.12 53.72
CA ILE E 75 -28.51 2.50 54.09
C ILE E 75 -29.04 3.05 55.42
N ASP E 76 -28.18 3.65 56.25
CA ASP E 76 -28.67 4.24 57.48
C ASP E 76 -29.24 5.64 57.26
N ILE E 77 -28.62 6.45 56.40
CA ILE E 77 -29.07 7.83 56.21
C ILE E 77 -30.27 7.90 55.27
N CYS E 78 -30.37 6.98 54.30
CA CYS E 78 -31.47 6.95 53.33
C CYS E 78 -32.03 5.53 53.25
N PRO E 79 -32.97 5.18 54.13
CA PRO E 79 -33.47 3.80 54.17
C PRO E 79 -34.46 3.46 53.07
N LEU E 80 -34.97 4.44 52.33
CA LEU E 80 -35.99 4.16 51.34
C LEU E 80 -35.45 3.68 50.01
N ILE E 81 -34.13 3.74 49.80
CA ILE E 81 -33.51 3.25 48.57
C ILE E 81 -33.05 1.80 48.72
N TRP E 82 -33.45 1.13 49.79
CA TRP E 82 -33.04 -0.26 50.06
C TRP E 82 -34.30 -1.07 50.36
N ASN E 83 -34.75 -1.88 49.39
CA ASN E 83 -36.01 -2.58 49.49
C ASN E 83 -35.89 -4.09 49.60
N TRP E 84 -34.69 -4.61 49.87
CA TRP E 84 -34.49 -6.03 50.16
C TRP E 84 -34.06 -6.16 51.61
N ASP E 85 -34.63 -7.15 52.30
CA ASP E 85 -34.37 -7.35 53.72
C ASP E 85 -33.13 -8.20 53.98
N ILE E 86 -32.28 -8.40 52.98
CA ILE E 86 -31.07 -9.20 53.15
C ILE E 86 -29.97 -8.32 53.76
N THR E 87 -29.12 -8.95 54.56
CA THR E 87 -28.00 -8.25 55.17
C THR E 87 -27.06 -7.74 54.09
N PRO E 88 -26.59 -6.48 54.18
CA PRO E 88 -25.67 -5.98 53.16
C PRO E 88 -24.37 -6.78 53.07
N GLU E 89 -23.94 -7.41 54.17
CA GLU E 89 -22.74 -8.24 54.12
C GLU E 89 -22.99 -9.61 53.53
N ASN E 90 -24.25 -10.08 53.54
CA ASN E 90 -24.63 -11.24 52.75
C ASN E 90 -24.87 -10.84 51.29
N ALA E 91 -25.45 -9.65 51.10
CA ALA E 91 -25.64 -9.12 49.76
C ALA E 91 -24.32 -8.91 49.03
N LEU E 92 -23.25 -8.61 49.77
CA LEU E 92 -21.94 -8.48 49.14
C LEU E 92 -21.43 -9.82 48.63
N VAL E 93 -21.72 -10.91 49.33
CA VAL E 93 -21.27 -12.22 48.85
C VAL E 93 -22.11 -12.67 47.68
N LYS E 94 -23.40 -12.30 47.66
CA LYS E 94 -24.18 -12.54 46.45
C LYS E 94 -23.64 -11.73 45.28
N PHE E 95 -23.24 -10.48 45.56
CA PHE E 95 -22.59 -9.62 44.58
C PHE E 95 -21.36 -10.30 43.99
N SER E 96 -20.50 -10.84 44.84
CA SER E 96 -19.32 -11.56 44.33
C SER E 96 -19.71 -12.82 43.57
N ASN E 97 -20.81 -13.48 43.96
CA ASN E 97 -21.32 -14.59 43.15
C ASN E 97 -21.69 -14.13 41.75
N TYR E 98 -22.10 -12.86 41.61
CA TYR E 98 -22.43 -12.32 40.30
C TYR E 98 -21.21 -11.86 39.51
N LYS E 99 -20.23 -11.23 40.17
CA LYS E 99 -19.10 -10.70 39.40
C LYS E 99 -18.11 -11.77 38.98
N LYS E 100 -18.36 -13.04 39.28
CA LYS E 100 -17.46 -14.11 38.87
C LYS E 100 -17.90 -14.78 37.58
N THR E 101 -19.12 -14.55 37.12
CA THR E 101 -19.61 -15.06 35.86
C THR E 101 -19.67 -13.99 34.78
N ILE E 102 -19.03 -12.85 35.00
CA ILE E 102 -19.04 -11.75 34.04
C ILE E 102 -17.85 -11.89 33.12
N PRO E 103 -18.05 -11.83 31.79
CA PRO E 103 -16.91 -11.86 30.87
C PRO E 103 -15.95 -10.71 31.13
N VAL E 104 -14.78 -10.82 30.51
CA VAL E 104 -13.69 -9.87 30.75
C VAL E 104 -12.78 -9.81 29.53
N ARG E 105 -12.47 -8.60 29.08
CA ARG E 105 -11.65 -8.38 27.89
C ARG E 105 -10.40 -7.61 28.27
N GLY E 106 -9.28 -7.95 27.62
CA GLY E 106 -8.01 -7.29 27.87
C GLY E 106 -7.17 -7.12 26.63
N ALA E 107 -5.92 -6.65 26.78
CA ALA E 107 -5.09 -6.42 25.60
C ALA E 107 -3.63 -6.77 25.83
N ALA E 108 -3.03 -7.42 24.84
CA ALA E 108 -1.60 -7.68 24.80
C ALA E 108 -0.92 -6.53 24.06
N ILE E 109 -0.10 -5.77 24.77
CA ILE E 109 0.37 -4.47 24.31
C ILE E 109 1.84 -4.60 23.89
N PHE E 110 2.10 -4.58 22.58
CA PHE E 110 3.44 -4.73 22.03
C PHE E 110 3.91 -3.43 21.40
N ASN E 111 5.21 -3.16 21.52
CA ASN E 111 5.84 -2.07 20.81
C ASN E 111 6.08 -2.48 19.36
N ASP E 112 6.63 -1.55 18.56
CA ASP E 112 7.04 -1.88 17.20
C ASP E 112 8.01 -3.05 17.20
N SER E 113 9.11 -2.90 17.94
CA SER E 113 9.91 -4.05 18.34
C SER E 113 9.09 -4.87 19.33
N LEU E 114 8.78 -6.11 18.97
CA LEU E 114 7.99 -6.96 19.85
C LEU E 114 8.84 -7.46 21.01
N SER E 115 9.77 -6.62 21.45
CA SER E 115 10.60 -6.96 22.60
C SER E 115 9.79 -6.85 23.90
N LYS E 116 9.03 -5.78 24.06
CA LYS E 116 8.36 -5.47 25.31
C LYS E 116 6.85 -5.63 25.19
N ILE E 117 6.22 -6.07 26.28
CA ILE E 117 4.78 -6.24 26.34
C ILE E 117 4.28 -5.68 27.67
N LEU E 118 3.40 -4.68 27.62
CA LEU E 118 2.97 -3.97 28.82
C LEU E 118 1.99 -4.80 29.61
N LEU E 119 2.32 -5.03 30.89
CA LEU E 119 1.45 -5.65 31.85
C LEU E 119 1.32 -4.72 33.06
N LEU E 120 0.30 -4.97 33.88
CA LEU E 120 0.06 -4.13 35.05
C LEU E 120 0.02 -4.97 36.31
N ARG E 121 0.25 -4.31 37.44
CA ARG E 121 0.32 -4.91 38.76
C ARG E 121 -0.42 -4.00 39.72
N GLY E 122 -1.58 -4.47 40.17
CA GLY E 122 -2.29 -3.83 41.26
C GLY E 122 -1.58 -4.03 42.58
N ILE E 123 -2.07 -3.32 43.60
CA ILE E 123 -1.35 -3.24 44.87
C ILE E 123 -1.36 -4.59 45.58
N ASN E 124 -2.49 -5.29 45.53
CA ASN E 124 -2.67 -6.47 46.37
C ASN E 124 -2.06 -7.73 45.76
N SER E 125 -2.22 -7.90 44.44
CA SER E 125 -1.91 -9.20 43.84
C SER E 125 -0.44 -9.54 43.94
N LYS E 126 0.44 -8.63 43.48
CA LYS E 126 1.89 -8.77 43.36
C LYS E 126 2.32 -9.62 42.17
N HIS E 127 1.40 -10.20 41.42
CA HIS E 127 1.76 -10.98 40.23
C HIS E 127 1.17 -10.29 39.00
N TRP E 128 2.02 -10.02 38.02
CA TRP E 128 1.65 -9.18 36.89
C TRP E 128 0.61 -9.86 36.02
N SER E 129 -0.14 -9.04 35.29
CA SER E 129 -1.25 -9.53 34.47
C SER E 129 -1.58 -8.52 33.39
N PHE E 130 -2.50 -8.92 32.51
CA PHE E 130 -2.93 -8.09 31.41
C PHE E 130 -3.72 -6.88 31.89
N PRO E 131 -3.83 -5.84 31.07
CA PRO E 131 -4.87 -4.82 31.29
C PRO E 131 -6.20 -5.33 30.73
N ARG E 132 -7.22 -5.35 31.59
CA ARG E 132 -8.49 -5.97 31.25
C ARG E 132 -9.58 -5.40 32.16
N GLY E 133 -10.82 -5.79 31.87
CA GLY E 133 -11.95 -5.40 32.69
C GLY E 133 -13.20 -6.13 32.26
N LYS E 134 -14.28 -5.89 33.00
CA LYS E 134 -15.56 -6.55 32.77
C LYS E 134 -16.37 -5.82 31.71
N ILE E 135 -17.21 -6.58 31.00
CA ILE E 135 -18.03 -6.02 29.93
C ILE E 135 -19.20 -5.25 30.51
N GLY E 136 -19.70 -4.29 29.74
CA GLY E 136 -20.92 -3.58 30.06
C GLY E 136 -22.11 -4.18 29.34
N LYS E 137 -23.19 -3.40 29.28
CA LYS E 137 -24.41 -3.84 28.62
C LYS E 137 -24.40 -3.42 27.15
N ASP E 138 -24.62 -4.39 26.27
CA ASP E 138 -24.70 -4.17 24.83
C ASP E 138 -23.47 -3.44 24.31
N GLU E 139 -22.30 -4.06 24.54
CA GLU E 139 -21.02 -3.46 24.21
C GLU E 139 -20.20 -4.43 23.37
N ASP E 140 -19.69 -3.95 22.24
CA ASP E 140 -18.77 -4.75 21.45
C ASP E 140 -17.51 -5.04 22.26
N ASP E 141 -16.99 -6.26 22.11
CA ASP E 141 -15.79 -6.65 22.84
C ASP E 141 -14.64 -5.69 22.58
N VAL E 142 -14.57 -5.14 21.37
CA VAL E 142 -13.52 -4.18 21.04
C VAL E 142 -13.72 -2.89 21.82
N ALA E 143 -14.91 -2.30 21.74
CA ALA E 143 -15.19 -1.07 22.49
C ALA E 143 -14.92 -1.27 23.98
N CYS E 144 -15.33 -2.44 24.50
CA CYS E 144 -15.03 -2.82 25.87
C CYS E 144 -13.52 -2.76 26.14
N CYS E 145 -12.74 -3.47 25.32
CA CYS E 145 -11.30 -3.50 25.51
C CYS E 145 -10.69 -2.10 25.46
N ILE E 146 -11.10 -1.28 24.49
CA ILE E 146 -10.58 0.08 24.40
C ILE E 146 -10.92 0.86 25.65
N ARG E 147 -12.10 0.62 26.23
CA ARG E 147 -12.53 1.40 27.38
C ARG E 147 -11.72 1.03 28.63
N GLU E 148 -11.60 -0.27 28.93
CA GLU E 148 -10.88 -0.66 30.14
C GLU E 148 -9.38 -0.44 30.01
N VAL E 149 -8.82 -0.74 28.83
CA VAL E 149 -7.39 -0.48 28.64
C VAL E 149 -7.12 1.03 28.72
N LYS E 150 -8.03 1.83 28.16
CA LYS E 150 -7.90 3.28 28.29
C LYS E 150 -8.05 3.71 29.74
N GLU E 151 -8.78 2.95 30.54
CA GLU E 151 -8.98 3.29 31.94
C GLU E 151 -7.73 2.98 32.77
N GLN E 152 -7.27 1.74 32.72
CA GLN E 152 -6.17 1.28 33.57
C GLN E 152 -4.83 1.85 33.12
N THR E 153 -4.61 1.97 31.82
CA THR E 153 -3.32 2.40 31.31
C THR E 153 -3.33 3.82 30.76
N GLY E 154 -4.49 4.45 30.63
CA GLY E 154 -4.56 5.80 30.10
C GLY E 154 -4.19 5.92 28.64
N PHE E 155 -4.62 4.97 27.82
CA PHE E 155 -4.22 4.95 26.41
C PHE E 155 -5.39 4.49 25.55
N ASP E 156 -5.70 5.27 24.52
CA ASP E 156 -6.79 4.98 23.61
C ASP E 156 -6.33 3.98 22.54
N LEU E 157 -6.95 2.79 22.53
CA LEU E 157 -6.62 1.75 21.57
C LEU E 157 -7.64 1.64 20.44
N THR E 158 -8.33 2.72 20.10
CA THR E 158 -9.40 2.63 19.11
C THR E 158 -8.89 2.28 17.72
N GLY E 159 -7.63 2.58 17.44
CA GLY E 159 -7.10 2.28 16.12
C GLY E 159 -6.04 1.20 16.11
N PHE E 160 -6.02 0.33 17.12
CA PHE E 160 -4.95 -0.64 17.26
C PHE E 160 -5.45 -2.08 17.44
N ILE E 161 -6.74 -2.33 17.27
CA ILE E 161 -7.34 -3.60 17.67
C ILE E 161 -7.96 -4.27 16.46
N ASP E 162 -7.60 -5.55 16.26
CA ASP E 162 -8.27 -6.40 15.29
C ASP E 162 -9.23 -7.32 16.02
N ALA E 163 -10.47 -7.39 15.56
CA ALA E 163 -11.44 -8.32 16.12
C ALA E 163 -11.07 -9.78 15.90
N ASP E 164 -9.94 -10.07 15.26
CA ASP E 164 -9.57 -11.45 14.96
C ASP E 164 -8.32 -11.93 15.67
N GLN E 165 -7.48 -11.01 16.15
CA GLN E 165 -6.23 -11.35 16.83
C GLN E 165 -6.46 -11.31 18.33
N TYR E 166 -7.00 -12.41 18.85
CA TYR E 166 -7.29 -12.56 20.27
C TYR E 166 -7.19 -14.03 20.64
N VAL E 167 -7.31 -14.30 21.95
CA VAL E 167 -7.29 -15.67 22.46
C VAL E 167 -8.05 -15.68 23.78
N GLU E 168 -8.90 -16.69 23.95
CA GLU E 168 -9.82 -16.73 25.08
C GLU E 168 -9.76 -18.08 25.78
N ARG E 169 -9.87 -18.04 27.12
CA ARG E 169 -9.97 -19.23 27.94
C ARG E 169 -10.91 -18.95 29.11
N ASN E 170 -11.38 -20.02 29.74
CA ASN E 170 -12.33 -19.93 30.85
C ASN E 170 -11.70 -20.46 32.12
N MET E 171 -11.79 -19.68 33.20
CA MET E 171 -11.26 -20.09 34.49
C MET E 171 -12.26 -20.94 35.25
N ASN E 172 -13.29 -20.30 35.84
CA ASN E 172 -14.35 -20.99 36.58
C ASN E 172 -15.69 -20.39 36.14
N GLY E 173 -16.11 -20.73 34.93
CA GLY E 173 -17.30 -20.14 34.34
C GLY E 173 -17.14 -18.72 33.88
N LYS E 174 -15.96 -18.13 34.01
CA LYS E 174 -15.68 -16.76 33.60
C LYS E 174 -15.02 -16.78 32.23
N ASN E 175 -15.69 -16.19 31.24
CA ASN E 175 -15.21 -16.18 29.87
C ASN E 175 -14.23 -15.02 29.70
N PHE E 176 -12.95 -15.33 29.64
CA PHE E 176 -11.94 -14.32 29.38
C PHE E 176 -11.75 -14.14 27.87
N LYS E 177 -11.13 -13.02 27.50
CA LYS E 177 -10.85 -12.72 26.10
C LYS E 177 -9.91 -11.53 26.00
N ILE E 178 -8.69 -11.78 25.53
CA ILE E 178 -7.67 -10.74 25.42
C ILE E 178 -7.25 -10.63 23.96
N PHE E 179 -7.26 -9.41 23.44
CA PHE E 179 -6.83 -9.18 22.07
C PHE E 179 -5.31 -9.03 22.01
N LEU E 180 -4.78 -8.94 20.80
CA LEU E 180 -3.34 -8.84 20.57
C LEU E 180 -3.07 -7.61 19.72
N VAL E 181 -2.35 -6.65 20.29
CA VAL E 181 -2.05 -5.39 19.62
C VAL E 181 -0.55 -5.17 19.59
N LYS E 182 -0.11 -4.37 18.62
CA LYS E 182 1.30 -4.03 18.47
C LYS E 182 1.39 -2.59 17.99
N GLY E 183 2.61 -2.05 18.06
CA GLY E 183 2.84 -0.70 17.61
C GLY E 183 2.50 0.37 18.62
N VAL E 184 2.18 -0.01 19.86
CA VAL E 184 1.95 1.01 20.88
C VAL E 184 3.25 1.77 21.11
N PRO E 185 3.22 3.10 21.25
CA PRO E 185 4.47 3.82 21.51
C PRO E 185 4.91 3.63 22.96
N GLU E 186 6.13 3.11 23.13
CA GLU E 186 6.71 3.02 24.46
C GLU E 186 6.90 4.40 25.07
N ASP E 187 7.14 5.41 24.23
CA ASP E 187 7.45 6.75 24.72
C ASP E 187 6.29 7.34 25.51
N PHE E 188 5.06 7.20 24.99
CA PHE E 188 3.92 7.86 25.60
C PHE E 188 3.65 7.28 26.99
N GLU E 189 3.48 8.18 27.96
CA GLU E 189 3.29 7.77 29.34
C GLU E 189 2.00 6.98 29.53
N PHE E 190 1.91 6.28 30.65
CA PHE E 190 0.76 5.49 31.02
C PHE E 190 0.39 5.79 32.46
N LYS E 191 -0.89 6.11 32.70
CA LYS E 191 -1.39 6.41 34.02
C LYS E 191 -2.81 5.86 34.14
N PRO E 192 -3.14 5.24 35.27
CA PRO E 192 -4.54 4.88 35.51
C PRO E 192 -5.39 6.14 35.63
N GLU E 193 -6.61 6.06 35.09
CA GLU E 193 -7.53 7.17 35.24
C GLU E 193 -8.01 7.32 36.68
N HIS E 194 -7.95 6.26 37.47
CA HIS E 194 -8.24 6.30 38.90
C HIS E 194 -6.93 6.13 39.67
N LYS E 195 -6.71 7.01 40.64
CA LYS E 195 -5.42 7.04 41.33
C LYS E 195 -5.19 5.81 42.19
N ASN E 196 -6.26 5.21 42.73
CA ASN E 196 -6.15 4.20 43.79
C ASN E 196 -6.48 2.80 43.32
N GLU E 197 -6.30 2.49 42.03
CA GLU E 197 -6.62 1.16 41.54
C GLU E 197 -5.40 0.29 41.31
N ILE E 198 -4.35 0.83 40.69
CA ILE E 198 -3.19 0.04 40.28
C ILE E 198 -1.94 0.68 40.85
N GLN E 199 -0.98 -0.16 41.26
CA GLN E 199 0.28 0.36 41.78
C GLN E 199 1.24 0.68 40.64
N ALA E 200 1.56 -0.31 39.80
CA ALA E 200 2.59 -0.10 38.78
C ALA E 200 2.17 -0.73 37.45
N ILE E 201 2.48 -0.04 36.36
CA ILE E 201 2.20 -0.52 35.01
C ILE E 201 3.53 -0.50 34.25
N GLU E 202 4.05 -1.68 33.92
CA GLU E 202 5.39 -1.79 33.37
C GLU E 202 5.45 -2.88 32.32
N TRP E 203 6.56 -2.90 31.59
CA TRP E 203 6.87 -3.98 30.65
C TRP E 203 8.35 -4.26 30.69
N LYS E 204 8.71 -5.53 30.54
CA LYS E 204 10.07 -5.94 30.29
C LYS E 204 10.08 -6.80 29.03
N ASP E 205 11.29 -7.16 28.61
CA ASP E 205 11.46 -7.87 27.35
C ASP E 205 10.64 -9.16 27.34
N PHE E 206 9.88 -9.35 26.25
CA PHE E 206 9.08 -10.56 26.10
C PHE E 206 9.92 -11.82 26.26
N LYS E 207 11.21 -11.72 25.98
CA LYS E 207 12.13 -12.85 26.09
C LYS E 207 12.76 -12.97 27.47
N LYS E 208 13.03 -11.84 28.13
CA LYS E 208 13.73 -11.87 29.42
C LYS E 208 12.95 -12.68 30.45
N LEU E 209 11.62 -12.70 30.37
CA LEU E 209 10.81 -13.56 31.21
C LEU E 209 9.87 -14.42 30.39
N SER E 210 10.22 -14.70 29.12
CA SER E 210 9.41 -15.59 28.29
C SER E 210 9.26 -16.95 28.95
N LYS E 211 10.38 -17.54 29.36
CA LYS E 211 10.39 -18.89 29.90
C LYS E 211 10.70 -18.91 31.40
N ALA E 212 10.66 -17.76 32.06
CA ALA E 212 10.68 -17.76 33.52
C ALA E 212 9.45 -18.44 34.09
N ILE E 213 8.36 -18.46 33.32
CA ILE E 213 7.14 -19.11 33.78
C ILE E 213 7.11 -20.59 33.48
N THR E 214 7.94 -21.06 32.53
CA THR E 214 8.07 -22.49 32.30
C THR E 214 8.91 -23.17 33.39
N LYS E 215 9.02 -22.55 34.57
CA LYS E 215 9.50 -23.27 35.75
C LYS E 215 8.60 -24.46 36.06
N ASN E 216 7.31 -24.35 35.76
CA ASN E 216 6.35 -25.40 36.08
C ASN E 216 6.20 -26.36 34.90
N VAL E 222 2.66 -13.43 37.62
CA VAL E 222 2.21 -13.94 36.33
C VAL E 222 0.80 -14.52 36.44
N PHE E 223 -0.21 -13.71 36.13
CA PHE E 223 -1.60 -14.16 36.12
C PHE E 223 -2.09 -14.24 34.68
N LEU E 224 -2.66 -15.40 34.33
CA LEU E 224 -3.40 -15.60 33.10
C LEU E 224 -2.53 -15.56 31.85
N VAL E 225 -1.57 -14.64 31.79
CA VAL E 225 -0.69 -14.55 30.64
C VAL E 225 0.00 -15.89 30.38
N ASN E 226 0.34 -16.61 31.46
CA ASN E 226 0.97 -17.92 31.31
C ASN E 226 0.03 -18.92 30.65
N SER E 227 -1.25 -18.91 31.03
CA SER E 227 -2.22 -19.82 30.44
C SER E 227 -2.42 -19.59 28.95
N MET E 228 -1.88 -18.49 28.41
CA MET E 228 -1.99 -18.19 26.99
C MET E 228 -0.66 -17.64 26.46
N ILE E 229 0.47 -18.15 26.97
CA ILE E 229 1.75 -17.72 26.42
C ILE E 229 2.04 -18.41 25.09
N ARG E 230 1.78 -19.71 25.02
CA ARG E 230 2.01 -20.44 23.76
C ARG E 230 1.20 -19.85 22.61
N PRO E 231 -0.13 -19.68 22.70
CA PRO E 231 -0.85 -19.03 21.61
C PRO E 231 -0.39 -17.60 21.38
N LEU E 232 0.12 -16.92 22.42
CA LEU E 232 0.69 -15.59 22.26
C LEU E 232 2.05 -15.65 21.58
N SER E 233 2.89 -16.60 22.00
CA SER E 233 4.22 -16.74 21.40
C SER E 233 4.13 -16.95 19.90
N LEU E 234 3.22 -17.83 19.46
CA LEU E 234 3.00 -17.99 18.02
C LEU E 234 2.73 -16.65 17.36
N TYR E 235 1.91 -15.81 17.99
CA TYR E 235 1.57 -14.51 17.41
C TYR E 235 2.78 -13.60 17.32
N VAL E 236 3.60 -13.51 18.37
CA VAL E 236 4.69 -12.54 18.34
C VAL E 236 5.73 -12.94 17.30
N LYS E 237 6.10 -14.22 17.24
CA LYS E 237 7.10 -14.63 16.25
C LYS E 237 6.58 -14.46 14.83
N ASN E 238 5.35 -14.95 14.58
CA ASN E 238 4.66 -14.70 13.32
C ASN E 238 4.70 -13.21 12.97
N GLU E 239 4.59 -12.35 13.97
CA GLU E 239 4.53 -10.92 13.71
C GLU E 239 5.87 -10.36 13.29
N LYS E 240 6.95 -10.79 13.95
CA LYS E 240 8.27 -10.31 13.56
C LYS E 240 8.61 -10.71 12.13
N ARG E 241 8.50 -12.01 11.81
CA ARG E 241 8.86 -12.40 10.46
C ARG E 241 7.86 -11.89 9.42
N ALA E 242 6.62 -11.63 9.83
CA ALA E 242 5.65 -11.00 8.92
C ALA E 242 5.94 -9.53 8.70
N LYS E 243 6.69 -8.89 9.61
CA LYS E 243 7.15 -7.52 9.39
C LYS E 243 8.33 -7.47 8.43
N ASP E 244 9.32 -8.33 8.68
CA ASP E 244 10.38 -8.49 7.68
C ASP E 244 9.78 -8.79 6.31
N GLU E 245 8.72 -9.60 6.28
CA GLU E 245 7.96 -9.78 5.05
C GLU E 245 7.31 -8.48 4.60
N ASN E 246 6.86 -7.66 5.56
CA ASN E 246 6.17 -6.41 5.23
C ASN E 246 7.08 -5.48 4.42
N LYS E 247 8.39 -5.52 4.66
CA LYS E 247 9.28 -4.74 3.80
C LYS E 247 9.25 -5.19 2.34
N LEU E 248 8.86 -6.44 2.08
CA LEU E 248 8.91 -7.07 0.76
C LEU E 248 7.59 -6.98 -0.01
N LYS E 249 6.47 -7.27 0.67
CA LYS E 249 5.17 -7.23 0.01
C LYS E 249 4.90 -5.85 -0.61
N LEU E 250 5.27 -4.78 0.11
CA LEU E 250 5.16 -3.43 -0.43
C LEU E 250 5.91 -3.31 -1.77
N TYR E 251 7.18 -3.70 -1.76
CA TYR E 251 8.02 -3.75 -2.95
C TYR E 251 7.28 -4.35 -4.13
N ALA E 252 6.87 -5.61 -3.98
CA ALA E 252 6.18 -6.30 -5.08
C ALA E 252 4.93 -5.55 -5.52
N GLU E 253 4.13 -5.08 -4.55
CA GLU E 253 2.87 -4.42 -4.87
C GLU E 253 3.09 -3.19 -5.72
N GLU E 254 3.88 -2.23 -5.24
CA GLU E 254 4.09 -0.99 -5.97
C GLU E 254 4.73 -1.25 -7.33
N HIS E 255 5.65 -2.22 -7.40
CA HIS E 255 6.30 -2.49 -8.68
C HIS E 255 5.30 -3.04 -9.71
N LEU E 256 4.47 -4.00 -9.32
CA LEU E 256 3.43 -4.48 -10.23
C LEU E 256 2.47 -3.36 -10.61
N LYS E 257 2.20 -2.45 -9.68
CA LYS E 257 1.29 -1.34 -9.94
C LYS E 257 1.86 -0.37 -10.97
N SER E 258 3.18 -0.19 -10.99
CA SER E 258 3.78 0.76 -11.93
C SER E 258 3.76 0.25 -13.37
N ILE E 259 3.78 -1.07 -13.56
CA ILE E 259 3.75 -1.63 -14.91
C ILE E 259 2.37 -1.56 -15.54
N LEU E 260 1.35 -1.23 -14.78
CA LEU E 260 -0.02 -1.13 -15.29
C LEU E 260 -0.55 0.28 -15.07
N GLY E 261 -1.78 0.51 -15.53
CA GLY E 261 -2.43 1.80 -15.38
C GLY E 261 -3.07 1.98 -14.01
N LEU E 262 -2.43 1.45 -12.97
CA LEU E 262 -2.99 1.55 -11.63
C LEU E 262 -2.99 2.99 -11.12
N ASN E 263 -1.92 3.73 -11.39
CA ASN E 263 -1.71 5.07 -10.85
C ASN E 263 -2.92 6.00 -10.94
N MET F 3 -41.31 0.04 50.62
CA MET F 3 -41.93 -0.78 49.58
C MET F 3 -43.05 -0.03 48.87
N SER F 4 -43.37 1.15 49.36
CA SER F 4 -44.46 1.95 48.80
C SER F 4 -43.95 2.79 47.63
N THR F 5 -44.74 2.83 46.56
CA THR F 5 -44.40 3.63 45.39
C THR F 5 -44.60 5.12 45.66
N GLU F 6 -45.73 5.48 46.28
CA GLU F 6 -46.02 6.89 46.55
C GLU F 6 -45.02 7.47 47.54
N THR F 7 -44.74 6.75 48.62
CA THR F 7 -43.74 7.20 49.59
C THR F 7 -42.41 7.49 48.90
N LEU F 8 -41.96 6.55 48.06
CA LEU F 8 -40.67 6.71 47.41
C LEU F 8 -40.69 7.87 46.42
N GLU F 9 -41.83 8.08 45.73
CA GLU F 9 -41.95 9.23 44.86
C GLU F 9 -41.78 10.53 45.63
N ILE F 10 -42.50 10.66 46.75
CA ILE F 10 -42.38 11.84 47.60
C ILE F 10 -40.94 12.06 48.03
N TYR F 11 -40.30 11.00 48.52
CA TYR F 11 -38.91 11.13 48.98
C TYR F 11 -37.99 11.54 47.84
N ARG F 12 -38.22 11.01 46.65
CA ARG F 12 -37.35 11.34 45.52
C ARG F 12 -37.44 12.82 45.18
N LYS F 13 -38.67 13.34 45.03
CA LYS F 13 -38.81 14.76 44.72
C LYS F 13 -38.23 15.62 45.84
N ALA F 14 -38.48 15.25 47.10
CA ALA F 14 -38.06 16.07 48.23
C ALA F 14 -36.54 16.11 48.35
N LEU F 15 -35.90 14.93 48.31
CA LEU F 15 -34.44 14.89 48.42
C LEU F 15 -33.78 15.53 47.20
N ASN F 16 -34.35 15.36 46.01
CA ASN F 16 -33.82 16.06 44.85
C ASN F 16 -33.84 17.57 45.06
N PHE F 17 -34.95 18.09 45.60
CA PHE F 17 -35.01 19.52 45.92
C PHE F 17 -33.95 19.90 46.94
N ASN F 18 -33.87 19.14 48.04
CA ASN F 18 -32.92 19.47 49.10
C ASN F 18 -31.49 19.50 48.58
N VAL F 19 -31.16 18.61 47.65
CA VAL F 19 -29.80 18.52 47.14
C VAL F 19 -29.51 19.62 46.13
N ILE F 20 -30.38 19.76 45.12
CA ILE F 20 -30.16 20.80 44.12
C ILE F 20 -30.12 22.18 44.76
N ALA F 21 -30.84 22.36 45.87
CA ALA F 21 -30.85 23.65 46.56
C ALA F 21 -29.44 24.03 47.03
N ARG F 22 -28.64 23.05 47.44
CA ARG F 22 -27.28 23.35 47.91
C ARG F 22 -26.35 23.76 46.78
N TYR F 23 -26.72 23.47 45.53
CA TYR F 23 -25.98 23.95 44.38
C TYR F 23 -26.54 25.25 43.83
N ASP F 24 -27.86 25.33 43.72
CA ASP F 24 -28.57 26.54 43.28
C ASP F 24 -29.51 26.94 44.40
N PRO F 25 -29.08 27.84 45.30
CA PRO F 25 -29.92 28.18 46.46
C PRO F 25 -31.21 28.91 46.11
N LYS F 26 -31.44 29.26 44.85
CA LYS F 26 -32.66 29.96 44.46
C LYS F 26 -33.70 29.05 43.84
N ILE F 27 -33.53 27.73 43.93
CA ILE F 27 -34.54 26.83 43.40
C ILE F 27 -35.80 26.93 44.24
N LYS F 28 -36.95 26.92 43.56
CA LYS F 28 -38.24 27.13 44.17
C LYS F 28 -39.21 25.98 43.97
N GLN F 29 -39.12 25.25 42.85
CA GLN F 29 -40.02 24.13 42.59
C GLN F 29 -39.46 23.26 41.47
N LEU F 30 -39.47 21.95 41.67
CA LEU F 30 -39.12 21.01 40.62
C LEU F 30 -40.24 20.94 39.60
N LEU F 31 -39.92 21.22 38.34
CA LEU F 31 -40.95 21.17 37.31
C LEU F 31 -40.92 19.85 36.54
N PHE F 32 -39.73 19.30 36.29
CA PHE F 32 -39.61 18.08 35.50
C PHE F 32 -38.35 17.34 35.89
N HIS F 33 -38.38 16.02 35.71
CA HIS F 33 -37.26 15.17 36.05
C HIS F 33 -37.27 13.95 35.13
N THR F 34 -36.08 13.57 34.64
CA THR F 34 -35.90 12.36 33.84
C THR F 34 -34.72 11.57 34.37
N PRO F 35 -34.82 10.24 34.36
CA PRO F 35 -33.82 9.40 35.05
C PRO F 35 -32.40 9.58 34.56
N HIS F 36 -32.18 9.66 33.26
CA HIS F 36 -30.82 9.72 32.76
C HIS F 36 -30.74 10.62 31.53
N ALA F 37 -29.65 11.35 31.42
CA ALA F 37 -29.43 12.22 30.27
C ALA F 37 -27.93 12.36 30.02
N THR F 38 -27.55 12.37 28.75
CA THR F 38 -26.16 12.54 28.33
C THR F 38 -26.04 13.83 27.52
N VAL F 39 -24.90 14.52 27.66
CA VAL F 39 -24.70 15.85 27.08
C VAL F 39 -23.64 15.77 25.99
N TYR F 40 -23.88 16.48 24.89
CA TYR F 40 -22.90 16.71 23.84
C TYR F 40 -22.82 18.21 23.58
N LYS F 41 -21.62 18.72 23.33
CA LYS F 41 -21.46 20.10 22.92
C LYS F 41 -21.12 20.15 21.44
N TRP F 42 -21.73 21.12 20.74
CA TRP F 42 -21.47 21.33 19.33
C TRP F 42 -20.33 22.33 19.16
N GLY F 43 -19.36 21.97 18.33
CA GLY F 43 -18.22 22.82 18.06
C GLY F 43 -17.43 22.25 16.91
N ASP F 44 -16.75 23.11 16.14
CA ASP F 44 -15.99 22.67 14.97
C ASP F 44 -16.90 21.92 14.00
N ASP F 45 -18.15 22.39 13.89
CA ASP F 45 -19.17 21.75 13.07
C ASP F 45 -19.29 20.26 13.37
N ASN F 46 -19.21 19.91 14.65
CA ASN F 46 -19.21 18.50 15.02
C ASN F 46 -19.72 18.35 16.46
N TRP F 47 -20.31 17.19 16.74
CA TRP F 47 -20.73 16.86 18.10
C TRP F 47 -19.57 16.31 18.91
N ASN F 48 -19.57 16.61 20.20
CA ASN F 48 -18.48 16.26 21.11
C ASN F 48 -19.10 15.82 22.43
N LYS F 49 -18.98 14.54 22.76
CA LYS F 49 -19.54 14.04 24.01
C LYS F 49 -18.88 14.72 25.20
N LEU F 50 -19.69 15.33 26.06
CA LEU F 50 -19.21 16.02 27.24
C LEU F 50 -19.19 15.08 28.45
N GLU F 51 -18.47 15.51 29.49
CA GLU F 51 -18.32 14.73 30.71
C GLU F 51 -19.45 15.05 31.70
N TYR F 52 -20.68 14.88 31.23
CA TYR F 52 -21.86 15.07 32.07
C TYR F 52 -22.82 13.93 31.83
N GLN F 53 -23.30 13.31 32.91
CA GLN F 53 -24.19 12.16 32.80
C GLN F 53 -24.92 11.92 34.12
N GLY F 54 -26.25 11.83 34.07
CA GLY F 54 -27.02 11.58 35.27
C GLY F 54 -28.44 12.05 35.12
N VAL F 55 -29.14 12.09 36.26
CA VAL F 55 -30.53 12.51 36.27
C VAL F 55 -30.63 13.97 35.87
N LEU F 56 -31.64 14.29 35.07
CA LEU F 56 -31.84 15.66 34.61
C LEU F 56 -33.11 16.22 35.22
N ALA F 57 -33.07 17.51 35.57
CA ALA F 57 -34.22 18.14 36.20
C ALA F 57 -34.32 19.59 35.73
N ILE F 58 -35.55 20.00 35.42
CA ILE F 58 -35.86 21.39 35.11
C ILE F 58 -36.69 21.96 36.25
N TYR F 59 -36.27 23.12 36.76
CA TYR F 59 -36.85 23.66 37.98
C TYR F 59 -37.08 25.17 37.84
N LEU F 60 -38.03 25.67 38.62
CA LEU F 60 -38.35 27.09 38.72
C LEU F 60 -37.46 27.75 39.77
N ARG F 61 -37.18 29.05 39.57
CA ARG F 61 -36.27 29.78 40.44
C ARG F 61 -36.95 31.04 40.96
N ASP F 62 -36.54 31.47 42.16
CA ASP F 62 -37.09 32.67 42.78
C ASP F 62 -36.17 33.86 42.44
N VAL F 63 -36.68 34.77 41.63
CA VAL F 63 -35.92 35.95 41.22
C VAL F 63 -36.73 37.20 41.48
N GLY F 64 -37.58 37.17 42.50
CA GLY F 64 -38.33 38.36 42.86
C GLY F 64 -37.44 39.49 43.35
N ASP F 65 -36.39 39.15 44.10
CA ASP F 65 -35.40 40.13 44.52
C ASP F 65 -34.63 40.63 43.29
N LYS F 66 -34.72 41.94 43.04
CA LYS F 66 -34.10 42.55 41.87
C LYS F 66 -32.73 43.16 42.18
N GLU F 67 -32.09 42.76 43.28
CA GLU F 67 -30.78 43.27 43.64
C GLU F 67 -29.77 42.16 43.92
N ALA F 68 -30.14 40.90 43.71
CA ALA F 68 -29.24 39.78 43.91
C ALA F 68 -28.41 39.54 42.66
N ILE F 69 -27.10 39.49 42.83
CA ILE F 69 -26.17 39.18 41.74
C ILE F 69 -25.74 37.73 41.88
N LEU F 70 -25.57 37.06 40.74
CA LEU F 70 -25.15 35.67 40.76
C LEU F 70 -23.82 35.54 41.50
N PRO F 71 -23.65 34.51 42.33
CA PRO F 71 -22.41 34.35 43.07
C PRO F 71 -21.21 34.15 42.15
N GLU F 72 -20.02 34.35 42.72
CA GLU F 72 -18.75 34.23 42.01
C GLU F 72 -18.02 33.01 42.51
N VAL F 73 -17.83 32.02 41.64
CA VAL F 73 -17.17 30.76 41.98
C VAL F 73 -16.04 30.52 40.99
N SER F 74 -14.85 30.23 41.50
CA SER F 74 -13.72 29.87 40.66
C SER F 74 -13.88 28.44 40.15
N SER F 75 -13.66 28.24 38.85
CA SER F 75 -13.87 26.91 38.28
C SER F 75 -12.86 25.91 38.81
N TYR F 76 -11.63 26.38 39.09
CA TYR F 76 -10.56 25.59 39.72
C TYR F 76 -10.04 24.49 38.79
N ASP F 77 -10.74 24.24 37.67
CA ASP F 77 -10.26 23.33 36.62
C ASP F 77 -10.18 21.88 37.12
N ASP F 78 -11.29 21.39 37.68
CA ASP F 78 -11.39 20.00 38.18
C ASP F 78 -12.85 19.60 38.45
N GLU F 86 -10.83 22.12 32.14
CA GLU F 86 -11.30 21.26 31.07
C GLU F 86 -10.99 21.86 29.70
N ALA F 87 -11.11 21.05 28.65
CA ALA F 87 -10.79 21.50 27.30
C ALA F 87 -11.66 22.70 26.91
N ASN F 88 -12.97 22.58 27.08
CA ASN F 88 -13.89 23.66 26.78
C ASN F 88 -15.05 23.64 27.76
N THR F 89 -15.21 24.75 28.48
CA THR F 89 -16.15 24.99 29.57
C THR F 89 -17.04 26.18 29.23
N PRO F 90 -18.33 26.11 29.55
CA PRO F 90 -19.24 27.22 29.21
C PRO F 90 -18.89 28.50 29.95
N HIS F 91 -19.49 29.59 29.51
CA HIS F 91 -19.35 30.87 30.20
C HIS F 91 -20.31 30.86 31.39
N VAL F 92 -19.75 30.86 32.59
CA VAL F 92 -20.58 30.96 33.80
C VAL F 92 -21.17 32.37 33.84
N LEU F 93 -22.50 32.44 33.92
CA LEU F 93 -23.18 33.72 33.89
C LEU F 93 -22.82 34.57 35.10
N THR F 94 -22.56 35.84 34.84
CA THR F 94 -22.36 36.84 35.88
C THR F 94 -23.47 37.87 35.83
N GLY F 95 -23.49 38.73 36.84
CA GLY F 95 -24.42 39.83 36.86
C GLY F 95 -25.68 39.52 37.65
N HIS F 96 -26.69 40.34 37.41
CA HIS F 96 -27.92 40.26 38.17
C HIS F 96 -28.70 38.99 37.81
N ASP F 97 -29.36 38.43 38.82
CA ASP F 97 -30.09 37.18 38.70
C ASP F 97 -31.48 37.48 38.15
N ILE F 98 -31.70 37.15 36.88
CA ILE F 98 -32.96 37.47 36.21
C ILE F 98 -33.53 36.23 35.54
N TYR F 99 -32.97 35.07 35.84
CA TYR F 99 -33.23 33.85 35.08
C TYR F 99 -34.31 33.04 35.78
N ASN F 100 -35.49 32.95 35.14
CA ASN F 100 -36.65 32.36 35.79
C ASN F 100 -36.50 30.86 36.00
N TYR F 101 -35.88 30.17 35.04
CA TYR F 101 -35.88 28.71 35.07
C TYR F 101 -34.45 28.18 35.01
N GLY F 102 -34.30 26.92 35.39
CA GLY F 102 -33.01 26.28 35.40
C GLY F 102 -33.12 24.83 34.98
N LEU F 103 -32.04 24.32 34.39
CA LEU F 103 -31.88 22.92 34.06
C LEU F 103 -30.58 22.44 34.68
N ILE F 104 -30.58 21.23 35.20
CA ILE F 104 -29.41 20.67 35.86
C ILE F 104 -29.33 19.18 35.57
N ILE F 105 -28.10 18.69 35.42
CA ILE F 105 -27.80 17.27 35.34
C ILE F 105 -26.85 16.99 36.48
N MET F 106 -27.33 16.21 37.46
CA MET F 106 -26.50 15.74 38.55
C MET F 106 -25.49 14.74 37.99
N ASN F 107 -24.24 15.15 37.92
CA ASN F 107 -23.24 14.38 37.19
C ASN F 107 -22.79 13.17 37.97
N ARG F 108 -22.82 12.00 37.32
CA ARG F 108 -22.24 10.78 37.87
C ARG F 108 -20.76 10.66 37.58
N ILE F 109 -20.25 11.37 36.57
CA ILE F 109 -18.87 11.20 36.14
C ILE F 109 -17.92 11.96 37.05
N ASN F 110 -18.15 13.25 37.24
CA ASN F 110 -17.33 14.07 38.12
C ASN F 110 -18.23 15.02 38.91
N PRO F 111 -17.74 15.68 39.97
CA PRO F 111 -18.63 16.47 40.83
C PRO F 111 -19.13 17.77 40.24
N ASP F 112 -18.82 18.10 38.99
CA ASP F 112 -19.33 19.31 38.37
C ASP F 112 -20.63 18.97 37.63
N ASN F 113 -21.72 19.60 38.04
CA ASN F 113 -23.02 19.32 37.44
C ASN F 113 -23.24 20.20 36.22
N PHE F 114 -24.08 19.70 35.30
CA PHE F 114 -24.38 20.47 34.10
C PHE F 114 -25.52 21.43 34.39
N SER F 115 -25.38 22.67 33.93
CA SER F 115 -26.31 23.73 34.27
C SER F 115 -26.64 24.55 33.05
N LEU F 116 -27.93 24.82 32.85
CA LEU F 116 -28.40 25.76 31.84
C LEU F 116 -29.42 26.67 32.47
N ALA F 117 -29.31 27.97 32.21
CA ALA F 117 -30.34 28.90 32.62
C ALA F 117 -31.38 29.04 31.50
N ILE F 118 -32.64 29.26 31.89
CA ILE F 118 -33.71 29.47 30.93
C ILE F 118 -34.42 30.77 31.26
N ALA F 119 -34.53 31.64 30.26
CA ALA F 119 -35.22 32.91 30.36
C ALA F 119 -36.14 33.08 29.17
N PRO F 120 -37.36 33.58 29.38
CA PRO F 120 -38.25 33.85 28.25
C PRO F 120 -37.70 34.98 27.40
N ASN F 121 -38.10 34.98 26.12
CA ASN F 121 -37.71 36.08 25.24
C ASN F 121 -38.20 37.42 25.78
N SER F 122 -39.42 37.41 26.34
CA SER F 122 -40.05 38.62 26.86
C SER F 122 -39.18 39.30 27.91
N VAL F 123 -38.33 38.56 28.61
CA VAL F 123 -37.50 39.17 29.63
C VAL F 123 -36.24 39.78 29.02
N LEU F 124 -35.59 39.06 28.10
CA LEU F 124 -34.31 39.51 27.58
C LEU F 124 -34.42 40.66 26.57
N ASN F 125 -35.55 40.80 25.86
CA ASN F 125 -35.67 41.96 24.97
C ASN F 125 -35.93 43.28 25.71
N LYS F 126 -35.70 43.37 27.02
CA LYS F 126 -35.84 44.64 27.73
C LYS F 126 -34.54 45.43 27.82
N ARG F 127 -33.52 45.02 27.05
CA ARG F 127 -32.22 45.69 27.10
C ARG F 127 -32.31 47.15 26.69
N LYS F 128 -33.24 47.49 25.82
CA LYS F 128 -33.43 48.87 25.40
C LYS F 128 -33.83 49.73 26.59
N LEU F 129 -33.38 50.98 26.58
CA LEU F 129 -33.55 51.93 27.70
C LEU F 129 -32.91 51.41 28.99
N ASN F 133 -23.36 50.27 28.46
CA ASN F 133 -22.89 49.07 29.15
C ASN F 133 -24.03 48.21 29.64
N ARG F 134 -23.85 46.90 29.49
CA ARG F 134 -24.69 45.91 30.14
C ARG F 134 -23.81 44.79 30.67
N GLU F 135 -24.18 44.25 31.82
CA GLU F 135 -23.51 43.07 32.35
C GLU F 135 -23.96 41.78 31.66
N GLU F 136 -24.99 41.85 30.81
CA GLU F 136 -25.54 40.67 30.17
C GLU F 136 -25.19 40.64 28.68
N GLU F 137 -25.05 39.42 28.17
CA GLU F 137 -24.77 39.17 26.75
C GLU F 137 -25.74 38.12 26.25
N LEU F 138 -27.04 38.45 26.30
CA LEU F 138 -28.11 37.46 26.22
C LEU F 138 -28.82 37.54 24.87
N GLU F 139 -29.07 36.37 24.28
CA GLU F 139 -29.74 36.21 23.00
C GLU F 139 -30.86 35.18 23.18
N PRO F 140 -32.02 35.37 22.54
CA PRO F 140 -33.12 34.42 22.72
C PRO F 140 -32.68 32.99 22.46
N MET F 141 -33.09 32.09 23.35
CA MET F 141 -32.77 30.67 23.26
C MET F 141 -33.59 30.00 22.16
N LYS F 142 -33.09 28.86 21.71
CA LYS F 142 -33.80 28.04 20.74
C LYS F 142 -33.76 26.58 21.18
N VAL F 143 -34.78 25.83 20.77
CA VAL F 143 -34.86 24.41 21.07
C VAL F 143 -35.52 23.70 19.90
N GLU F 144 -34.96 22.55 19.52
CA GLU F 144 -35.57 21.70 18.51
C GLU F 144 -35.23 20.26 18.85
N VAL F 145 -36.08 19.35 18.42
CA VAL F 145 -35.87 17.92 18.65
C VAL F 145 -35.87 17.22 17.30
N ARG F 146 -34.85 16.41 17.06
CA ARG F 146 -34.79 15.67 15.81
C ARG F 146 -33.93 14.43 16.00
N ASP F 147 -34.36 13.32 15.37
CA ASP F 147 -33.69 12.04 15.51
C ASP F 147 -33.43 11.72 16.98
N ASP F 148 -34.44 11.96 17.81
CA ASP F 148 -34.45 11.66 19.23
C ASP F 148 -33.39 12.44 20.01
N LEU F 149 -32.83 13.49 19.45
CA LEU F 149 -31.89 14.36 20.16
C LEU F 149 -32.54 15.71 20.41
N VAL F 150 -32.33 16.24 21.62
CA VAL F 150 -32.92 17.52 22.03
C VAL F 150 -31.82 18.58 21.97
N MET F 151 -31.85 19.41 20.95
CA MET F 151 -30.83 20.42 20.71
C MET F 151 -31.29 21.79 21.21
N ILE F 152 -30.38 22.48 21.90
CA ILE F 152 -30.65 23.76 22.54
C ILE F 152 -29.55 24.74 22.16
N LYS F 153 -29.94 25.96 21.79
CA LYS F 153 -29.03 27.10 21.62
C LYS F 153 -29.29 28.06 22.76
N THR F 154 -28.26 28.26 23.59
CA THR F 154 -28.42 28.91 24.89
C THR F 154 -28.45 30.43 24.75
N LEU F 155 -28.52 31.11 25.89
CA LEU F 155 -28.56 32.56 25.92
C LEU F 155 -27.23 33.18 25.53
N LYS F 156 -26.13 32.45 25.65
CA LYS F 156 -24.83 32.93 25.19
C LYS F 156 -24.37 32.21 23.93
N LYS F 157 -25.30 31.62 23.18
CA LYS F 157 -25.06 31.06 21.85
C LYS F 157 -24.23 29.78 21.86
N GLU F 158 -24.04 29.16 23.02
CA GLU F 158 -23.54 27.80 23.04
C GLU F 158 -24.64 26.86 22.53
N VAL F 159 -24.21 25.78 21.88
CA VAL F 159 -25.15 24.81 21.31
C VAL F 159 -24.87 23.46 21.93
N TYR F 160 -25.85 22.93 22.66
CA TYR F 160 -25.74 21.64 23.31
C TYR F 160 -26.82 20.70 22.79
N GLY F 161 -26.57 19.42 22.98
CA GLY F 161 -27.49 18.38 22.60
C GLY F 161 -27.65 17.39 23.73
N ILE F 162 -28.87 17.30 24.24
CA ILE F 162 -29.20 16.42 25.35
C ILE F 162 -29.89 15.18 24.80
N TRP F 163 -29.42 14.02 25.22
CA TRP F 163 -29.98 12.73 24.82
C TRP F 163 -30.55 12.08 26.07
N VAL F 164 -31.85 11.92 26.09
CA VAL F 164 -32.55 11.37 27.24
C VAL F 164 -32.69 9.87 27.09
N HIS F 165 -32.45 9.15 28.19
CA HIS F 165 -32.58 7.70 28.18
C HIS F 165 -34.00 7.28 27.82
N THR F 166 -34.97 7.68 28.63
CA THR F 166 -36.35 7.27 28.41
C THR F 166 -36.91 7.99 27.20
N PRO F 167 -37.35 7.28 26.16
CA PRO F 167 -37.68 7.97 24.90
C PRO F 167 -38.88 8.90 24.98
N GLU F 168 -39.97 8.49 25.65
CA GLU F 168 -41.15 9.33 25.70
C GLU F 168 -40.94 10.63 26.46
N ASP F 169 -39.82 10.78 27.17
CA ASP F 169 -39.49 12.05 27.81
C ASP F 169 -38.80 13.02 26.86
N ARG F 170 -38.18 12.52 25.79
CA ARG F 170 -37.45 13.39 24.87
C ARG F 170 -38.34 14.51 24.35
N GLN F 171 -39.42 14.14 23.66
CA GLN F 171 -40.44 15.11 23.27
C GLN F 171 -40.90 15.92 24.48
N ASN F 172 -41.16 15.24 25.60
CA ASN F 172 -41.63 15.93 26.80
C ASN F 172 -40.66 17.02 27.24
N ILE F 173 -39.36 16.81 27.04
CA ILE F 173 -38.39 17.86 27.36
C ILE F 173 -38.62 19.05 26.44
N TYR F 174 -38.63 18.79 25.13
CA TYR F 174 -38.76 19.85 24.13
C TYR F 174 -39.96 20.72 24.44
N GLU F 175 -41.15 20.10 24.47
CA GLU F 175 -42.37 20.83 24.66
C GLU F 175 -42.36 21.68 25.93
N LEU F 176 -41.62 21.26 26.95
CA LEU F 176 -41.56 22.08 28.16
C LEU F 176 -40.71 23.32 27.91
N ILE F 177 -39.47 23.12 27.43
CA ILE F 177 -38.56 24.24 27.24
C ILE F 177 -39.18 25.28 26.32
N LYS F 178 -39.74 24.83 25.19
CA LYS F 178 -40.39 25.74 24.27
C LYS F 178 -41.43 26.60 25.00
N TYR F 179 -42.28 25.97 25.82
CA TYR F 179 -43.26 26.73 26.57
C TYR F 179 -42.58 27.82 27.39
N LEU F 180 -41.57 27.42 28.16
CA LEU F 180 -40.89 28.37 29.04
C LEU F 180 -40.29 29.54 28.29
N LEU F 181 -40.12 29.40 26.97
CA LEU F 181 -39.55 30.49 26.18
C LEU F 181 -40.60 31.45 25.63
N GLU F 182 -41.82 30.98 25.37
CA GLU F 182 -42.80 31.84 24.72
C GLU F 182 -43.61 32.67 25.71
N ASN F 183 -43.66 32.27 26.99
CA ASN F 183 -44.52 32.90 27.96
C ASN F 183 -43.71 33.39 29.16
N GLU F 184 -44.21 34.44 29.80
CA GLU F 184 -43.67 34.95 31.05
C GLU F 184 -44.01 33.98 32.18
N PRO F 185 -43.41 34.15 33.37
CA PRO F 185 -43.66 33.18 34.45
C PRO F 185 -45.13 33.11 34.85
N THR F 186 -45.62 31.88 35.07
CA THR F 186 -47.03 31.64 35.38
C THR F 186 -47.28 30.61 36.47
N ASP F 187 -46.37 29.66 36.73
CA ASP F 187 -46.58 28.52 37.62
C ASP F 187 -47.82 27.72 37.17
N SER F 188 -47.67 27.02 36.04
CA SER F 188 -48.85 26.47 35.38
C SER F 188 -48.67 25.19 34.58
N PHE F 189 -47.46 24.70 34.36
CA PHE F 189 -47.31 23.58 33.42
C PHE F 189 -46.33 22.54 33.92
N THR F 190 -46.54 21.32 33.42
CA THR F 190 -45.73 20.15 33.74
C THR F 190 -44.58 20.01 32.75
N HIS G 1 -25.66 -18.91 36.27
CA HIS G 1 -24.98 -17.62 36.26
C HIS G 1 -24.21 -17.41 34.96
N SER G 2 -24.86 -16.76 33.99
CA SER G 2 -24.26 -16.46 32.70
C SER G 2 -24.97 -15.26 32.09
N LYS G 3 -24.45 -14.80 30.96
CA LYS G 3 -24.95 -13.61 30.25
C LYS G 3 -24.86 -12.36 31.13
N CYS G 4 -24.04 -12.41 32.17
CA CYS G 4 -24.01 -11.34 33.16
C CYS G 4 -23.14 -10.19 32.69
N TYR G 5 -23.56 -8.97 33.01
CA TYR G 5 -22.81 -7.76 32.71
C TYR G 5 -22.63 -6.95 33.98
N ALA G 6 -21.85 -5.87 33.88
CA ALA G 6 -21.47 -5.07 35.03
C ALA G 6 -21.79 -3.60 34.76
N GLY G 7 -21.81 -2.83 35.85
CA GLY G 7 -22.02 -1.40 35.77
C GLY G 7 -23.48 -1.04 35.51
N ALA G 8 -23.67 0.21 35.13
CA ALA G 8 -25.01 0.72 34.84
C ALA G 8 -25.52 0.14 33.52
N THR G 9 -26.82 -0.12 33.47
CA THR G 9 -27.45 -0.59 32.24
C THR G 9 -27.43 0.46 31.14
N PHE G 10 -27.30 1.74 31.50
CA PHE G 10 -27.24 2.84 30.56
C PHE G 10 -25.82 3.31 30.29
N ALA G 11 -24.81 2.54 30.72
CA ALA G 11 -23.43 3.01 30.68
C ALA G 11 -22.96 3.29 29.25
N THR G 12 -23.36 2.46 28.30
CA THR G 12 -22.90 2.58 26.92
C THR G 12 -24.06 2.80 25.95
N GLU G 13 -25.20 3.28 26.44
CA GLU G 13 -26.38 3.48 25.58
C GLU G 13 -26.36 4.83 24.88
N ALA G 14 -25.56 5.77 25.37
CA ALA G 14 -25.48 7.07 24.72
C ALA G 14 -24.91 6.89 23.31
N PRO G 15 -25.56 7.40 22.28
CA PRO G 15 -25.06 7.18 20.92
C PRO G 15 -23.79 7.96 20.66
N GLN G 16 -23.03 7.47 19.69
CA GLN G 16 -21.77 8.09 19.34
C GLN G 16 -22.00 9.35 18.51
N VAL G 17 -21.06 10.28 18.61
CA VAL G 17 -21.26 11.60 18.02
C VAL G 17 -21.46 11.52 16.52
N THR G 18 -20.95 10.46 15.89
CA THR G 18 -21.06 10.33 14.44
C THR G 18 -22.46 9.98 13.96
N THR G 19 -23.41 9.69 14.85
CA THR G 19 -24.75 9.31 14.44
C THR G 19 -25.80 10.37 14.78
N LEU G 20 -25.40 11.55 15.23
CA LEU G 20 -26.36 12.51 15.71
C LEU G 20 -26.69 13.53 14.62
N PRO G 21 -27.92 14.06 14.63
CA PRO G 21 -28.31 15.01 13.58
C PRO G 21 -27.65 16.36 13.78
N LYS G 22 -27.49 17.08 12.68
CA LYS G 22 -26.96 18.44 12.78
C LYS G 22 -28.07 19.42 13.14
N PRO G 23 -27.82 20.34 14.06
CA PRO G 23 -28.85 21.34 14.40
C PRO G 23 -29.22 22.15 13.16
N SER G 24 -30.47 22.61 13.13
CA SER G 24 -30.96 23.44 12.04
C SER G 24 -30.73 24.93 12.26
N PHE G 25 -30.01 25.30 13.32
CA PHE G 25 -29.67 26.70 13.55
C PHE G 25 -28.17 26.91 13.74
N VAL G 26 -27.36 26.08 13.10
CA VAL G 26 -25.93 26.33 12.99
C VAL G 26 -25.47 26.02 11.56
N LEU H 2 13.35 -9.82 -10.58
CA LEU H 2 12.50 -9.01 -11.44
C LEU H 2 11.16 -9.70 -11.72
N ASN H 3 11.15 -11.03 -11.66
CA ASN H 3 9.95 -11.80 -11.95
C ASN H 3 9.11 -11.92 -10.68
N PHE H 4 7.80 -11.69 -10.80
CA PHE H 4 6.88 -11.90 -9.70
C PHE H 4 5.79 -12.92 -10.04
N LYS H 5 6.04 -13.81 -10.99
CA LYS H 5 5.04 -14.82 -11.35
C LYS H 5 4.88 -15.82 -10.20
N GLY H 6 3.63 -16.15 -9.88
CA GLY H 6 3.32 -17.03 -8.77
C GLY H 6 2.78 -16.34 -7.53
N TYR H 7 2.85 -15.02 -7.44
CA TYR H 7 2.28 -14.30 -6.32
C TYR H 7 0.77 -14.44 -6.31
N GLN H 8 0.18 -14.49 -5.12
CA GLN H 8 -1.27 -14.54 -4.98
C GLN H 8 -1.82 -13.14 -5.21
N ILE H 9 -2.71 -13.00 -6.20
CA ILE H 9 -3.09 -11.69 -6.70
C ILE H 9 -4.61 -11.54 -6.70
N GLU H 10 -5.06 -10.30 -6.48
CA GLU H 10 -6.47 -9.92 -6.56
C GLU H 10 -6.61 -8.68 -7.43
N ILE H 11 -7.64 -8.68 -8.30
CA ILE H 11 -7.98 -7.53 -9.14
C ILE H 11 -9.46 -7.20 -8.98
N GLU H 12 -9.82 -5.96 -9.38
CA GLU H 12 -11.17 -5.46 -9.11
C GLU H 12 -11.80 -4.70 -10.28
N LEU H 13 -13.11 -4.52 -10.13
CA LEU H 13 -13.87 -3.57 -10.89
C LEU H 13 -15.07 -3.10 -10.05
N LYS H 17 -16.78 -6.57 -9.85
CA LYS H 17 -16.34 -7.96 -9.81
C LYS H 17 -14.85 -8.05 -9.45
N ARG H 18 -14.51 -9.03 -8.61
CA ARG H 18 -13.14 -9.23 -8.11
C ARG H 18 -12.63 -10.61 -8.54
N ILE H 19 -11.40 -10.66 -9.08
CA ILE H 19 -10.80 -11.92 -9.52
C ILE H 19 -9.57 -12.20 -8.67
N THR H 20 -9.42 -13.44 -8.24
CA THR H 20 -8.26 -13.86 -7.46
C THR H 20 -7.54 -14.96 -8.21
N GLY H 21 -6.21 -14.89 -8.26
CA GLY H 21 -5.53 -15.91 -9.03
C GLY H 21 -4.04 -15.84 -8.88
N THR H 22 -3.38 -16.80 -9.53
CA THR H 22 -1.93 -16.88 -9.54
C THR H 22 -1.38 -16.18 -10.76
N LEU H 23 -0.36 -15.36 -10.57
CA LEU H 23 0.18 -14.56 -11.66
C LEU H 23 0.98 -15.43 -12.62
N LYS H 24 0.51 -15.52 -13.86
CA LYS H 24 1.17 -16.30 -14.91
C LYS H 24 2.19 -15.48 -15.69
N GLN H 25 1.85 -14.24 -16.05
CA GLN H 25 2.81 -13.31 -16.60
C GLN H 25 2.21 -11.91 -16.57
N VAL H 26 3.08 -10.92 -16.63
CA VAL H 26 2.68 -9.52 -16.59
C VAL H 26 3.47 -8.76 -17.65
N SER H 27 2.77 -7.90 -18.38
CA SER H 27 3.36 -7.00 -19.35
C SER H 27 2.67 -5.64 -19.19
N PRO H 28 3.24 -4.56 -19.76
CA PRO H 28 2.59 -3.25 -19.64
C PRO H 28 1.14 -3.24 -20.10
N LYS H 29 0.77 -4.19 -20.95
CA LYS H 29 -0.56 -4.21 -21.54
C LYS H 29 -1.46 -5.33 -21.03
N SER H 30 -0.90 -6.45 -20.57
CA SER H 30 -1.74 -7.61 -20.29
C SER H 30 -1.31 -8.29 -19.00
N LEU H 31 -2.27 -9.00 -18.41
CA LEU H 31 -2.09 -9.76 -17.17
C LEU H 31 -2.80 -11.09 -17.31
N THR H 32 -2.09 -12.17 -17.01
CA THR H 32 -2.61 -13.53 -17.12
C THR H 32 -2.60 -14.21 -15.76
N LEU H 33 -3.67 -14.95 -15.45
CA LEU H 33 -3.80 -15.66 -14.19
C LEU H 33 -4.12 -17.13 -14.46
N THR H 34 -3.78 -17.98 -13.48
CA THR H 34 -4.21 -19.36 -13.48
C THR H 34 -4.97 -19.64 -12.18
N ASP H 35 -5.88 -20.63 -12.26
CA ASP H 35 -6.83 -21.02 -11.19
C ASP H 35 -7.56 -19.80 -10.63
N ALA H 36 -8.02 -18.94 -11.54
CA ALA H 36 -8.73 -17.73 -11.16
C ALA H 36 -10.11 -18.06 -10.58
N VAL H 37 -10.38 -17.56 -9.38
CA VAL H 37 -11.71 -17.70 -8.77
C VAL H 37 -12.52 -16.46 -9.09
N PHE H 38 -13.82 -16.67 -9.36
CA PHE H 38 -14.72 -15.60 -9.77
C PHE H 38 -15.69 -15.27 -8.65
N GLN H 39 -15.93 -13.97 -8.46
CA GLN H 39 -16.86 -13.45 -7.46
C GLN H 39 -18.28 -13.99 -7.64
N GLY H 42 -16.49 -18.66 -9.34
CA GLY H 42 -16.15 -19.50 -10.47
C GLY H 42 -14.66 -19.67 -10.67
N VAL H 43 -14.21 -20.88 -11.00
CA VAL H 43 -12.80 -21.14 -11.21
C VAL H 43 -12.57 -21.31 -12.70
N SER H 44 -11.34 -21.01 -13.13
CA SER H 44 -10.96 -21.09 -14.51
C SER H 44 -9.47 -21.40 -14.55
N PRO H 45 -9.05 -22.36 -15.38
CA PRO H 45 -7.63 -22.73 -15.39
C PRO H 45 -6.73 -21.65 -15.96
N VAL H 46 -7.21 -20.87 -16.93
CA VAL H 46 -6.47 -19.77 -17.52
C VAL H 46 -7.41 -18.58 -17.67
N PHE H 47 -6.96 -17.40 -17.25
CA PHE H 47 -7.76 -16.19 -17.28
C PHE H 47 -6.93 -15.06 -17.86
N LYS H 48 -7.45 -14.42 -18.91
CA LYS H 48 -6.75 -13.34 -19.59
C LYS H 48 -7.46 -12.01 -19.31
N ILE H 49 -6.70 -11.02 -18.85
CA ILE H 49 -7.26 -9.72 -18.52
C ILE H 49 -6.28 -8.65 -18.98
N LYS H 50 -6.83 -7.49 -19.36
CA LYS H 50 -6.04 -6.35 -19.81
C LYS H 50 -6.05 -5.28 -18.74
N ALA H 51 -4.94 -4.52 -18.67
CA ALA H 51 -4.84 -3.44 -17.69
C ALA H 51 -5.94 -2.41 -17.86
N ASP H 52 -6.62 -2.40 -19.00
CA ASP H 52 -7.72 -1.45 -19.22
C ASP H 52 -8.89 -1.73 -18.29
N LYS H 53 -9.16 -3.00 -18.01
CA LYS H 53 -10.32 -3.40 -17.21
C LYS H 53 -10.00 -3.52 -15.74
N LEU H 54 -8.81 -3.09 -15.32
CA LEU H 54 -8.39 -3.19 -13.93
C LEU H 54 -8.46 -1.80 -13.30
N TYR H 55 -9.27 -1.66 -12.26
CA TYR H 55 -9.17 -0.44 -11.46
C TYR H 55 -7.98 -0.52 -10.52
N ASP H 56 -7.83 -1.62 -9.79
CA ASP H 56 -6.80 -1.70 -8.77
C ASP H 56 -6.33 -3.14 -8.63
N LEU H 57 -5.13 -3.28 -8.05
CA LEU H 57 -4.42 -4.54 -7.86
C LEU H 57 -3.88 -4.60 -6.43
N LYS H 58 -3.94 -5.79 -5.83
CA LYS H 58 -3.32 -6.01 -4.53
C LYS H 58 -2.70 -7.40 -4.48
N VAL H 59 -1.62 -7.51 -3.71
CA VAL H 59 -0.87 -8.75 -3.54
C VAL H 59 -0.78 -9.04 -2.05
N LEU H 60 -1.05 -10.30 -1.69
CA LEU H 60 -0.99 -10.72 -0.29
C LEU H 60 0.09 -11.77 -0.04
N LYS H 61 0.07 -12.87 -0.80
CA LYS H 61 0.86 -14.06 -0.51
C LYS H 61 1.89 -14.29 -1.60
N LEU H 62 3.01 -14.91 -1.21
CA LEU H 62 4.11 -15.24 -2.10
C LEU H 62 4.31 -16.75 -2.20
N PRO H 63 4.90 -17.23 -3.29
CA PRO H 63 5.16 -18.67 -3.43
C PRO H 63 6.33 -19.16 -2.60
N PRO H 64 7.20 -18.28 -2.05
CA PRO H 64 8.09 -18.91 -1.07
C PRO H 64 7.35 -19.60 0.09
MG MG I . 26.09 3.24 -27.13
P10 6VQ J . 28.98 11.19 -25.61
P14 6VQ J . 30.29 9.30 -27.71
P18 6VQ J . 29.64 6.54 -26.73
P22 6VQ J . 31.17 4.83 -28.78
C01 6VQ J . 32.33 11.79 -22.05
N02 6VQ J . 32.16 13.15 -22.63
C03 6VQ J . 31.65 13.47 -23.89
N04 6VQ J . 31.65 14.88 -24.04
C05 6VQ J . 31.11 15.48 -25.43
O06 6VQ J . 29.77 15.71 -25.79
C07 6VQ J . 29.40 15.00 -27.01
C08 6VQ J . 28.56 13.67 -26.77
O09 6VQ J . 28.98 12.98 -25.70
O11 6VQ J . 29.81 10.96 -24.40
S12 6VQ J . 27.13 10.63 -25.46
O13 6VQ J . 29.72 10.85 -26.93
O15 6VQ J . 31.54 9.11 -26.93
O16 6VQ J . 30.34 9.69 -29.14
O17 6VQ J . 29.30 8.03 -27.39
O19 6VQ J . 30.40 6.68 -25.44
O20 6VQ J . 28.57 5.50 -26.78
O21 6VQ J . 30.95 6.07 -27.90
O23 6VQ J . 32.29 5.09 -29.72
S24 6VQ J . 29.59 4.04 -29.59
O25 6VQ J . 31.92 3.51 -27.74
C26 6VQ J . 32.79 3.74 -26.73
C27 6VQ J . 34.33 3.52 -27.17
O28 6VQ J . 34.87 2.26 -26.72
C29 6VQ J . 35.06 1.36 -27.77
N30 6VQ J . 33.88 0.38 -28.07
C31 6VQ J . 32.51 0.62 -28.12
N32 6VQ J . 31.81 -0.55 -28.42
C33 6VQ J . 30.33 -0.68 -28.55
C34 6VQ J . 32.78 -1.56 -28.57
C35 6VQ J . 32.69 -3.00 -28.89
O36 6VQ J . 31.64 -3.58 -29.09
N37 6VQ J . 33.93 -3.68 -28.96
C38 6VQ J . 35.14 -3.06 -28.74
N39 6VQ J . 36.32 -3.85 -28.82
N40 6VQ J . 35.27 -1.69 -28.43
C41 6VQ J . 34.07 -1.02 -28.37
C42 6VQ J . 35.39 2.22 -29.02
O43 6VQ J . 36.73 2.62 -29.07
C44 6VQ J . 34.49 3.43 -28.75
O45 6VQ J . 35.18 4.52 -29.28
C46 6VQ J . 30.77 14.64 -27.67
O47 6VQ J . 31.28 15.73 -28.36
C48 6VQ J . 31.59 14.37 -26.42
O49 6VQ J . 32.97 14.46 -26.64
C50 6VQ J . 32.16 15.47 -22.87
N51 6VQ J . 32.31 16.81 -22.63
C52 6VQ J . 32.85 17.11 -21.36
N53 6VQ J . 33.05 18.47 -21.00
N54 6VQ J . 33.19 16.14 -20.43
C55 6VQ J . 33.02 14.75 -20.69
O56 6VQ J . 33.32 13.93 -19.86
C57 6VQ J . 32.46 14.39 -22.01
P10 6VQ K . -10.09 -10.71 37.83
P14 6VQ K . -11.91 -9.30 39.95
P18 6VQ K . -9.88 -7.08 39.91
P22 6VQ K . -12.17 -5.00 39.89
C01 6VQ K . -5.24 -12.39 41.02
N02 6VQ K . -6.19 -13.53 40.87
C03 6VQ K . -7.57 -13.44 40.85
N04 6VQ K . -8.13 -14.74 40.69
C05 6VQ K . -9.74 -14.88 40.65
O06 6VQ K . -10.50 -15.21 39.51
C07 6VQ K . -11.52 -14.21 39.20
C08 6VQ K . -11.24 -13.27 37.93
O09 6VQ K . -10.17 -12.49 38.10
O11 6VQ K . -8.91 -10.42 38.68
S12 6VQ K . -9.80 -10.36 35.95
O13 6VQ K . -11.44 -10.21 38.42
O15 6VQ K . -12.11 -10.46 40.86
O16 6VQ K . -13.07 -8.50 39.47
O17 6VQ K . -10.69 -8.37 40.54
O19 6VQ K . -9.32 -6.21 40.98
O20 6VQ K . -8.97 -7.41 38.76
O21 6VQ K . -11.23 -6.06 39.24
O23 6VQ K . -13.55 -5.51 39.94
S24 6VQ K . -12.00 -3.18 39.23
O25 6VQ K . -11.91 -4.91 41.72
C26 6VQ K . -12.18 -3.82 42.49
C27 6VQ K . -10.88 -3.13 43.16
O28 6VQ K . -10.04 -2.44 42.19
C29 6VQ K . -9.84 -1.10 42.54
N30 6VQ K . -10.73 -0.09 41.77
C31 6VQ K . -11.43 -0.33 40.58
N32 6VQ K . -12.10 0.80 40.16
C33 6VQ K . -12.95 0.90 38.94
C34 6VQ K . -11.82 1.81 41.10
C35 6VQ K . -12.25 3.22 41.20
O36 6VQ K . -12.98 3.74 40.38
N37 6VQ K . -11.76 3.93 42.32
C38 6VQ K . -10.94 3.34 43.24
N39 6VQ K . -10.49 4.16 44.34
N40 6VQ K . -10.50 2.01 43.20
C41 6VQ K . -10.97 1.30 42.11
C42 6VQ K . -10.09 -0.98 44.07
O43 6VQ K . -9.00 -1.46 44.82
C44 6VQ K . -11.23 -1.99 44.19
O45 6VQ K . -11.17 -2.41 45.52
C46 6VQ K . -11.60 -13.31 40.48
O47 6VQ K . -12.54 -13.81 41.37
C48 6VQ K . -10.19 -13.44 41.03
O49 6VQ K . -10.17 -13.26 42.42
C50 6VQ K . -7.07 -15.66 40.60
N51 6VQ K . -7.18 -17.02 40.43
C52 6VQ K . -5.94 -17.70 40.38
N53 6VQ K . -5.97 -19.10 40.21
N54 6VQ K . -4.73 -17.06 40.48
C55 6VQ K . -4.60 -15.66 40.64
O56 6VQ K . -3.51 -15.14 40.72
C57 6VQ K . -5.88 -14.90 40.71
#